data_2Y7W
#
_entry.id   2Y7W
#
_cell.length_a   54.187
_cell.length_b   118.957
_cell.length_c   80.558
_cell.angle_alpha   90.00
_cell.angle_beta   108.63
_cell.angle_gamma   90.00
#
_symmetry.space_group_name_H-M   'P 1 21 1'
#
loop_
_entity.id
_entity.type
_entity.pdbx_description
1 polymer 'LYSR-TYPE REGULATORY PROTEIN'
2 non-polymer '2-HYDROXYBENZOIC ACID'
3 non-polymer 'TETRAETHYLENE GLYCOL'
4 water water
#
_entity_poly.entity_id   1
_entity_poly.type   'polypeptide(L)'
_entity_poly.pdbx_seq_one_letter_code
;MQTALTTRDSFDPFASTRTFNLAMTDIGEMYFMPPLMEALAQRAPHIQISTLRPNAGNLKEDMESGAVDLALGLLPELQT
GFFQRRLFRHRYVCMFRKDHPSAKSPMSLKQFTELEHVGVVALNTGHGEVDGLLERAGIKRRMRLVVPHFIAIGPILHST
DLIATVPQRFAVRCEVPFGLTTSPHPAKLPDIAINLFWHAKYNRDPGNMWLRQLFVELFSEAHHHHHH
;
_entity_poly.pdbx_strand_id   A,B,C,D
#
loop_
_chem_comp.id
_chem_comp.type
_chem_comp.name
_chem_comp.formula
PG4 non-polymer 'TETRAETHYLENE GLYCOL' 'C8 H18 O5'
SAL non-polymer '2-HYDROXYBENZOIC ACID' 'C7 H6 O3'
#
# COMPACT_ATOMS: atom_id res chain seq x y z
N SER A 10 -2.53 -32.04 27.85
CA SER A 10 -3.35 -32.17 26.66
C SER A 10 -4.23 -30.95 26.42
N PHE A 11 -5.24 -31.13 25.57
CA PHE A 11 -6.14 -30.06 25.18
C PHE A 11 -7.60 -30.46 25.44
N ASP A 12 -7.96 -31.64 24.93
CA ASP A 12 -9.34 -32.15 24.91
C ASP A 12 -10.36 -31.18 24.32
N PRO A 13 -10.69 -31.39 23.04
CA PRO A 13 -11.67 -30.64 22.23
C PRO A 13 -13.11 -30.80 22.74
N PHE A 14 -13.46 -32.00 23.16
CA PHE A 14 -14.83 -32.27 23.55
C PHE A 14 -15.14 -31.62 24.89
N ALA A 15 -14.09 -31.20 25.59
CA ALA A 15 -14.24 -30.67 26.93
C ALA A 15 -13.96 -29.21 26.97
N SER A 16 -13.20 -28.74 25.98
CA SER A 16 -12.66 -27.38 26.02
C SER A 16 -13.70 -26.26 25.87
N THR A 17 -13.42 -25.15 26.53
CA THR A 17 -14.31 -24.00 26.54
C THR A 17 -13.53 -22.78 26.09
N ARG A 18 -12.37 -23.05 25.53
CA ARG A 18 -11.49 -22.03 24.99
C ARG A 18 -12.14 -21.23 23.87
N THR A 19 -11.67 -20.01 23.67
CA THR A 19 -12.08 -19.19 22.54
C THR A 19 -10.95 -19.02 21.55
N PHE A 20 -11.17 -19.45 20.32
CA PHE A 20 -10.20 -19.26 19.25
C PHE A 20 -10.55 -18.04 18.40
N ASN A 21 -9.55 -17.21 18.11
CA ASN A 21 -9.76 -16.01 17.28
C ASN A 21 -9.11 -16.10 15.90
N LEU A 22 -9.85 -15.79 14.84
CA LEU A 22 -9.39 -16.04 13.47
C LEU A 22 -9.52 -14.82 12.57
N ALA A 23 -8.41 -14.46 11.91
CA ALA A 23 -8.47 -13.41 10.90
C ALA A 23 -8.79 -14.01 9.55
N MET A 24 -9.73 -13.41 8.84
CA MET A 24 -10.13 -13.88 7.52
C MET A 24 -10.95 -12.85 6.77
N THR A 25 -10.95 -12.93 5.44
CA THR A 25 -11.75 -11.99 4.64
C THR A 25 -13.23 -12.31 4.72
N ASP A 26 -14.05 -11.52 4.02
CA ASP A 26 -15.50 -11.76 4.05
C ASP A 26 -15.86 -12.99 3.25
N ILE A 27 -15.25 -13.13 2.09
CA ILE A 27 -15.40 -14.36 1.32
C ILE A 27 -15.02 -15.55 2.20
N GLY A 28 -13.85 -15.47 2.81
CA GLY A 28 -13.34 -16.57 3.62
C GLY A 28 -14.27 -16.91 4.75
N GLU A 29 -15.06 -15.92 5.19
CA GLU A 29 -15.99 -16.04 6.32
C GLU A 29 -17.18 -16.93 5.96
N MET A 30 -17.81 -16.65 4.84
CA MET A 30 -18.96 -17.46 4.45
C MET A 30 -18.56 -18.68 3.67
N TYR A 31 -17.25 -18.83 3.41
CA TYR A 31 -16.75 -20.07 2.82
C TYR A 31 -16.41 -21.06 3.92
N PHE A 32 -15.58 -20.61 4.87
CA PHE A 32 -15.02 -21.44 5.90
C PHE A 32 -15.93 -21.71 7.09
N MET A 33 -16.58 -20.67 7.60
CA MET A 33 -17.36 -20.77 8.83
C MET A 33 -18.48 -21.80 8.79
N PRO A 34 -19.38 -21.73 7.78
CA PRO A 34 -20.49 -22.68 7.66
C PRO A 34 -20.08 -24.12 7.89
N PRO A 35 -19.19 -24.65 7.05
CA PRO A 35 -18.74 -26.03 7.28
C PRO A 35 -18.07 -26.18 8.64
N LEU A 36 -17.12 -25.31 8.98
CA LEU A 36 -16.44 -25.38 10.27
C LEU A 36 -17.40 -25.50 11.48
N MET A 37 -18.37 -24.60 11.60
CA MET A 37 -19.35 -24.68 12.68
C MET A 37 -20.09 -26.01 12.75
N GLU A 38 -20.40 -26.57 11.57
CA GLU A 38 -21.07 -27.87 11.48
C GLU A 38 -20.12 -28.96 11.99
N ALA A 39 -18.86 -28.85 11.62
CA ALA A 39 -17.83 -29.75 12.11
C ALA A 39 -17.73 -29.66 13.63
N LEU A 40 -17.53 -28.47 14.13
CA LEU A 40 -17.33 -28.25 15.56
C LEU A 40 -18.52 -28.70 16.37
N ALA A 41 -19.71 -28.56 15.83
CA ALA A 41 -20.92 -28.90 16.57
C ALA A 41 -20.86 -30.29 17.19
N GLN A 42 -20.27 -31.23 16.47
CA GLN A 42 -20.15 -32.59 17.00
C GLN A 42 -18.78 -32.86 17.65
N ARG A 43 -17.75 -32.10 17.26
CA ARG A 43 -16.37 -32.35 17.73
C ARG A 43 -15.95 -31.53 18.95
N ALA A 44 -16.25 -30.25 18.94
CA ALA A 44 -15.96 -29.41 20.09
C ALA A 44 -17.19 -28.54 20.36
N PRO A 45 -18.07 -29.01 21.25
CA PRO A 45 -19.41 -28.41 21.39
C PRO A 45 -19.43 -27.27 22.34
N HIS A 46 -18.30 -26.95 22.96
CA HIS A 46 -18.24 -25.91 24.00
C HIS A 46 -17.17 -24.84 23.74
N ILE A 47 -16.34 -25.05 22.72
CA ILE A 47 -15.40 -24.05 22.22
C ILE A 47 -16.17 -22.82 21.74
N GLN A 48 -15.54 -21.65 21.77
CA GLN A 48 -16.12 -20.51 21.09
C GLN A 48 -15.19 -19.97 20.00
N ILE A 49 -15.77 -19.53 18.88
CA ILE A 49 -15.00 -19.00 17.78
C ILE A 49 -15.28 -17.54 17.59
N SER A 50 -14.22 -16.76 17.37
CA SER A 50 -14.43 -15.39 16.94
C SER A 50 -13.58 -15.08 15.74
N THR A 51 -14.12 -14.33 14.79
CA THR A 51 -13.35 -13.98 13.60
C THR A 51 -13.27 -12.46 13.45
N LEU A 52 -12.24 -12.00 12.73
CA LEU A 52 -12.08 -10.57 12.42
C LEU A 52 -11.42 -10.38 11.08
N ARG A 53 -11.48 -9.17 10.55
CA ARG A 53 -10.79 -8.83 9.32
C ARG A 53 -9.28 -8.53 9.49
N PRO A 54 -8.44 -8.96 8.52
CA PRO A 54 -6.99 -8.74 8.61
C PRO A 54 -6.57 -7.26 8.74
N ASN A 55 -7.45 -6.33 8.41
CA ASN A 55 -7.22 -4.90 8.68
C ASN A 55 -7.59 -4.49 10.12
N ALA A 56 -8.43 -5.33 10.76
CA ALA A 56 -9.06 -5.06 12.06
C ALA A 56 -8.18 -4.53 13.21
N GLY A 57 -7.32 -5.38 13.78
CA GLY A 57 -6.37 -4.93 14.78
C GLY A 57 -5.08 -4.48 14.12
N ASN A 58 -3.96 -4.88 14.70
CA ASN A 58 -2.70 -4.89 13.99
C ASN A 58 -2.26 -6.35 13.95
N LEU A 59 -3.05 -7.13 13.20
CA LEU A 59 -2.97 -8.58 13.10
C LEU A 59 -1.60 -9.20 13.39
N LYS A 60 -0.60 -8.79 12.62
CA LYS A 60 0.76 -9.25 12.78
C LYS A 60 1.18 -9.28 14.26
N GLU A 61 1.10 -8.13 14.90
CA GLU A 61 1.30 -8.03 16.35
C GLU A 61 0.39 -8.95 17.18
N ASP A 62 -0.92 -8.89 16.89
CA ASP A 62 -1.93 -9.71 17.54
C ASP A 62 -1.65 -11.20 17.46
N MET A 63 -1.02 -11.66 16.38
CA MET A 63 -0.72 -13.06 16.26
C MET A 63 0.43 -13.42 17.18
N GLU A 64 1.38 -12.50 17.35
CA GLU A 64 2.46 -12.69 18.32
C GLU A 64 1.85 -12.76 19.72
N SER A 65 1.11 -11.72 20.06
CA SER A 65 0.46 -11.60 21.34
C SER A 65 -0.31 -12.84 21.75
N GLY A 66 -1.02 -13.45 20.80
CA GLY A 66 -1.86 -14.59 21.08
C GLY A 66 -3.31 -14.15 21.06
N ALA A 67 -3.51 -12.89 20.71
CA ALA A 67 -4.83 -12.33 20.53
C ALA A 67 -5.59 -12.96 19.35
N VAL A 68 -4.85 -13.31 18.29
CA VAL A 68 -5.38 -14.08 17.17
C VAL A 68 -4.57 -15.36 17.05
N ASP A 69 -5.24 -16.49 16.82
CA ASP A 69 -4.58 -17.80 16.80
C ASP A 69 -4.15 -18.24 15.40
N LEU A 70 -5.04 -18.06 14.42
CA LEU A 70 -4.79 -18.39 13.02
C LEU A 70 -5.34 -17.29 12.10
N ALA A 71 -4.96 -17.35 10.83
CA ALA A 71 -5.39 -16.37 9.86
C ALA A 71 -5.56 -17.10 8.57
N LEU A 72 -6.52 -16.70 7.76
CA LEU A 72 -6.70 -17.37 6.48
C LEU A 72 -6.85 -16.43 5.30
N GLY A 73 -6.08 -16.68 4.24
CA GLY A 73 -6.22 -15.93 2.99
C GLY A 73 -5.03 -15.87 2.06
N LEU A 74 -4.98 -14.81 1.26
CA LEU A 74 -3.86 -14.57 0.36
C LEU A 74 -3.00 -13.51 0.99
N LEU A 75 -2.55 -13.79 2.20
CA LEU A 75 -1.88 -12.77 2.98
C LEU A 75 -0.39 -12.82 2.70
N PRO A 76 0.09 -11.91 1.85
CA PRO A 76 1.49 -11.92 1.41
C PRO A 76 2.32 -11.22 2.47
N GLU A 77 1.66 -10.31 3.19
CA GLU A 77 2.30 -9.53 4.24
C GLU A 77 2.98 -10.44 5.26
N LEU A 78 2.34 -11.57 5.57
CA LEU A 78 2.84 -12.46 6.61
C LEU A 78 3.98 -13.31 6.09
N GLN A 79 5.19 -12.86 6.35
CA GLN A 79 6.40 -13.58 6.03
C GLN A 79 7.15 -13.55 7.33
N THR A 80 8.33 -14.14 7.38
CA THR A 80 9.07 -14.22 8.63
C THR A 80 8.34 -15.14 9.61
N GLY A 81 8.39 -14.83 10.92
CA GLY A 81 7.93 -15.68 12.01
C GLY A 81 6.55 -16.29 11.87
N PHE A 82 6.32 -16.84 10.70
CA PHE A 82 5.01 -17.31 10.34
C PHE A 82 5.15 -18.59 9.55
N PHE A 83 4.66 -19.67 10.13
CA PHE A 83 4.52 -20.93 9.42
C PHE A 83 3.26 -20.85 8.60
N GLN A 84 3.25 -21.52 7.45
CA GLN A 84 2.06 -21.52 6.63
C GLN A 84 1.89 -22.78 5.80
N ARG A 85 0.66 -23.24 5.65
CA ARG A 85 0.41 -24.34 4.76
C ARG A 85 -0.68 -23.99 3.75
N ARG A 86 -0.44 -24.25 2.47
CA ARG A 86 -1.44 -24.02 1.42
C ARG A 86 -2.60 -25.00 1.57
N LEU A 87 -3.82 -24.47 1.57
CA LEU A 87 -5.01 -25.32 1.63
C LEU A 87 -5.44 -25.63 0.20
N PHE A 88 -5.55 -24.60 -0.61
CA PHE A 88 -5.97 -24.78 -1.98
C PHE A 88 -5.67 -23.59 -2.88
N ARG A 89 -5.80 -23.81 -4.17
CA ARG A 89 -5.77 -22.71 -5.13
C ARG A 89 -7.12 -22.75 -5.82
N HIS A 90 -7.57 -21.62 -6.35
CA HIS A 90 -8.73 -21.66 -7.24
C HIS A 90 -8.67 -20.51 -8.23
N ARG A 91 -9.43 -20.62 -9.30
CA ARG A 91 -9.37 -19.64 -10.38
C ARG A 91 -10.50 -18.62 -10.29
N TYR A 92 -10.33 -17.49 -10.98
CA TYR A 92 -11.44 -16.55 -11.17
C TYR A 92 -12.45 -17.12 -12.16
N VAL A 93 -13.73 -16.94 -11.86
CA VAL A 93 -14.78 -17.37 -12.79
C VAL A 93 -15.66 -16.21 -13.20
N CYS A 94 -16.56 -16.46 -14.14
CA CYS A 94 -17.51 -15.43 -14.51
C CYS A 94 -18.91 -15.87 -14.08
N MET A 95 -19.64 -14.99 -13.39
CA MET A 95 -20.92 -15.39 -12.76
C MET A 95 -22.06 -14.48 -13.20
N PHE A 96 -23.19 -15.11 -13.53
CA PHE A 96 -24.40 -14.40 -13.94
C PHE A 96 -25.65 -15.21 -13.59
N ARG A 97 -26.81 -14.57 -13.59
CA ARG A 97 -28.05 -15.28 -13.28
C ARG A 97 -28.35 -16.38 -14.32
N LYS A 98 -28.94 -17.48 -13.84
CA LYS A 98 -29.20 -18.72 -14.59
C LYS A 98 -29.99 -18.58 -15.90
N ASP A 99 -30.84 -17.58 -15.98
CA ASP A 99 -31.40 -17.20 -17.27
C ASP A 99 -31.06 -15.73 -17.51
N HIS A 100 -29.80 -15.51 -17.86
CA HIS A 100 -29.40 -14.21 -18.35
C HIS A 100 -29.78 -14.22 -19.82
N PRO A 101 -30.43 -13.16 -20.26
CA PRO A 101 -30.98 -12.96 -21.60
C PRO A 101 -30.04 -13.39 -22.72
N SER A 102 -28.73 -13.27 -22.52
CA SER A 102 -27.77 -13.43 -23.61
C SER A 102 -26.37 -13.89 -23.20
N ALA A 103 -26.12 -14.00 -21.90
CA ALA A 103 -24.85 -14.52 -21.41
C ALA A 103 -24.70 -16.04 -21.62
N LYS A 104 -23.48 -16.50 -21.92
CA LYS A 104 -23.25 -17.90 -22.30
C LYS A 104 -21.99 -18.51 -21.70
N SER A 105 -21.91 -19.84 -21.66
CA SER A 105 -20.75 -20.54 -21.09
C SER A 105 -20.24 -21.68 -21.98
N PRO A 106 -18.97 -21.61 -22.42
CA PRO A 106 -17.91 -20.64 -22.07
C PRO A 106 -18.08 -19.26 -22.69
N MET A 107 -17.98 -18.25 -21.85
CA MET A 107 -18.11 -16.89 -22.34
C MET A 107 -16.89 -16.56 -23.17
N SER A 108 -17.13 -15.95 -24.33
CA SER A 108 -16.03 -15.50 -25.18
C SER A 108 -15.54 -14.19 -24.62
N LEU A 109 -14.24 -13.95 -24.73
CA LEU A 109 -13.70 -12.69 -24.28
C LEU A 109 -14.41 -11.58 -25.05
N LYS A 110 -14.76 -11.87 -26.29
CA LYS A 110 -15.42 -10.85 -27.10
C LYS A 110 -16.74 -10.40 -26.48
N GLN A 111 -17.51 -11.35 -25.95
CA GLN A 111 -18.78 -11.06 -25.28
C GLN A 111 -18.61 -10.39 -23.90
N PHE A 112 -17.58 -10.81 -23.17
CA PHE A 112 -17.20 -10.27 -21.88
C PHE A 112 -17.03 -8.75 -21.96
N THR A 113 -16.26 -8.30 -22.95
CA THR A 113 -16.07 -6.87 -23.24
C THR A 113 -17.41 -6.19 -23.42
N GLU A 114 -18.35 -6.89 -24.04
CA GLU A 114 -19.59 -6.29 -24.51
C GLU A 114 -20.67 -6.07 -23.42
N LEU A 115 -20.84 -7.02 -22.50
CA LEU A 115 -21.85 -6.93 -21.44
C LEU A 115 -21.43 -5.93 -20.38
N GLU A 116 -22.38 -5.67 -19.46
CA GLU A 116 -22.18 -4.77 -18.34
C GLU A 116 -21.81 -5.54 -17.07
N HIS A 117 -20.97 -4.92 -16.22
CA HIS A 117 -20.39 -5.62 -15.06
C HIS A 117 -20.68 -4.97 -13.72
N VAL A 118 -20.66 -5.76 -12.65
CA VAL A 118 -20.42 -5.22 -11.31
C VAL A 118 -18.98 -5.56 -10.90
N GLY A 119 -18.27 -4.54 -10.41
CA GLY A 119 -16.92 -4.75 -9.95
C GLY A 119 -16.79 -4.64 -8.45
N VAL A 120 -15.97 -5.51 -7.88
CA VAL A 120 -15.68 -5.45 -6.46
C VAL A 120 -14.29 -4.85 -6.26
N VAL A 121 -14.17 -3.83 -5.42
CA VAL A 121 -12.88 -3.19 -5.22
C VAL A 121 -11.84 -4.13 -4.62
N ALA A 122 -12.24 -4.89 -3.60
CA ALA A 122 -11.34 -5.75 -2.83
C ALA A 122 -10.27 -6.41 -3.68
N GLY A 128 -5.09 -6.95 -5.01
CA GLY A 128 -4.69 -7.81 -6.11
C GLY A 128 -5.44 -7.39 -7.38
N GLU A 129 -4.75 -6.66 -8.24
CA GLU A 129 -5.41 -5.96 -9.36
C GLU A 129 -5.86 -6.83 -10.55
N VAL A 130 -6.98 -7.51 -10.40
CA VAL A 130 -7.70 -8.04 -11.56
C VAL A 130 -7.93 -6.96 -12.62
N ASP A 131 -8.58 -5.88 -12.21
CA ASP A 131 -8.94 -4.80 -13.13
C ASP A 131 -7.73 -4.14 -13.81
N GLY A 132 -6.57 -4.21 -13.18
CA GLY A 132 -5.38 -3.70 -13.80
C GLY A 132 -5.05 -4.46 -15.06
N LEU A 133 -5.02 -5.79 -14.96
CA LEU A 133 -4.61 -6.61 -16.08
C LEU A 133 -5.58 -6.49 -17.23
N LEU A 134 -6.85 -6.23 -16.93
CA LEU A 134 -7.83 -6.11 -18.01
C LEU A 134 -7.50 -4.85 -18.79
N GLU A 135 -7.41 -3.75 -18.05
CA GLU A 135 -7.18 -2.45 -18.67
C GLU A 135 -5.91 -2.46 -19.48
N ARG A 136 -4.87 -3.14 -19.02
CA ARG A 136 -3.61 -3.19 -19.73
C ARG A 136 -3.69 -4.05 -20.99
N ALA A 137 -4.67 -4.95 -21.02
CA ALA A 137 -4.88 -5.82 -22.16
C ALA A 137 -5.92 -5.23 -23.06
N GLY A 138 -6.24 -3.95 -22.82
CA GLY A 138 -7.05 -3.13 -23.70
C GLY A 138 -8.52 -3.29 -23.41
N ILE A 139 -8.86 -4.20 -22.51
CA ILE A 139 -10.28 -4.52 -22.21
C ILE A 139 -10.91 -3.56 -21.22
N LYS A 140 -11.69 -2.60 -21.73
CA LYS A 140 -12.39 -1.62 -20.86
C LYS A 140 -13.83 -2.04 -20.59
N ARG A 141 -14.08 -2.65 -19.44
CA ARG A 141 -15.40 -3.15 -19.09
C ARG A 141 -16.39 -1.98 -19.03
N ARG A 142 -17.67 -2.27 -19.32
CA ARG A 142 -18.71 -1.26 -19.09
C ARG A 142 -19.18 -1.40 -17.64
N MET A 143 -18.56 -0.64 -16.77
CA MET A 143 -18.68 -0.86 -15.33
C MET A 143 -19.91 -0.17 -14.73
N ARG A 144 -21.06 -0.83 -14.78
CA ARG A 144 -22.29 -0.16 -14.32
C ARG A 144 -22.33 0.07 -12.80
N LEU A 145 -21.95 -0.93 -12.00
CA LEU A 145 -21.86 -0.73 -10.55
C LEU A 145 -20.47 -1.10 -10.03
N VAL A 146 -20.04 -0.43 -8.96
CA VAL A 146 -18.81 -0.81 -8.23
C VAL A 146 -18.99 -0.85 -6.72
N VAL A 147 -18.78 -2.03 -6.14
CA VAL A 147 -18.91 -2.25 -4.70
C VAL A 147 -17.57 -2.60 -4.04
N PRO A 148 -17.42 -2.28 -2.75
CA PRO A 148 -16.18 -2.49 -1.99
C PRO A 148 -15.89 -3.96 -1.69
N HIS A 149 -16.91 -4.73 -1.33
CA HIS A 149 -16.74 -6.16 -1.03
C HIS A 149 -17.92 -6.95 -1.53
N PHE A 150 -18.00 -8.22 -1.14
CA PHE A 150 -18.88 -9.17 -1.82
C PHE A 150 -20.30 -9.42 -1.33
N ILE A 151 -20.70 -8.84 -0.22
CA ILE A 151 -21.98 -9.25 0.36
C ILE A 151 -23.19 -9.14 -0.60
N ALA A 152 -23.26 -8.06 -1.36
CA ALA A 152 -24.44 -7.79 -2.18
C ALA A 152 -24.33 -8.40 -3.56
N ILE A 153 -23.16 -8.93 -3.89
CA ILE A 153 -22.94 -9.37 -5.25
C ILE A 153 -24.04 -10.31 -5.72
N GLY A 154 -24.37 -11.27 -4.84
CA GLY A 154 -25.21 -12.42 -5.17
C GLY A 154 -26.63 -12.07 -5.55
N PRO A 155 -27.28 -11.28 -4.70
CA PRO A 155 -28.54 -10.58 -4.99
C PRO A 155 -28.47 -9.81 -6.29
N ILE A 156 -27.44 -9.00 -6.44
CA ILE A 156 -27.33 -8.06 -7.55
C ILE A 156 -27.40 -8.79 -8.89
N LEU A 157 -26.65 -9.88 -9.00
CA LEU A 157 -26.68 -10.67 -10.23
C LEU A 157 -28.07 -11.27 -10.47
N HIS A 158 -28.69 -11.71 -9.38
CA HIS A 158 -30.03 -12.27 -9.45
C HIS A 158 -31.08 -11.33 -10.04
N SER A 159 -30.96 -10.04 -9.77
CA SER A 159 -32.04 -9.13 -10.09
C SER A 159 -31.74 -8.25 -11.27
N THR A 160 -30.64 -8.54 -11.96
CA THR A 160 -30.16 -7.68 -13.05
C THR A 160 -29.45 -8.53 -14.09
N ASP A 161 -29.08 -7.92 -15.20
CA ASP A 161 -28.41 -8.67 -16.26
C ASP A 161 -26.91 -8.45 -16.20
N LEU A 162 -26.46 -7.85 -15.10
CA LEU A 162 -25.04 -7.65 -14.85
C LEU A 162 -24.27 -8.96 -14.67
N ILE A 163 -23.00 -8.96 -15.07
CA ILE A 163 -22.14 -10.11 -14.85
C ILE A 163 -21.02 -9.67 -13.92
N ALA A 164 -20.28 -10.62 -13.36
CA ALA A 164 -19.25 -10.30 -12.37
C ALA A 164 -18.03 -11.21 -12.50
N THR A 165 -16.89 -10.72 -12.04
CA THR A 165 -15.69 -11.52 -12.03
C THR A 165 -15.41 -11.90 -10.59
N VAL A 166 -15.61 -13.16 -10.29
CA VAL A 166 -15.69 -13.62 -8.93
C VAL A 166 -14.73 -14.80 -8.65
N PRO A 167 -14.29 -14.95 -7.40
CA PRO A 167 -13.46 -16.13 -7.09
C PRO A 167 -14.32 -17.38 -7.10
N GLN A 168 -13.77 -18.47 -7.61
CA GLN A 168 -14.53 -19.70 -7.87
C GLN A 168 -15.32 -20.22 -6.66
N ARG A 169 -14.65 -20.39 -5.52
CA ARG A 169 -15.30 -20.95 -4.34
C ARG A 169 -16.33 -20.04 -3.73
N PHE A 170 -16.27 -18.76 -4.08
CA PHE A 170 -17.32 -17.84 -3.67
C PHE A 170 -18.51 -18.10 -4.55
N ALA A 171 -18.29 -18.30 -5.84
CA ALA A 171 -19.39 -18.55 -6.77
C ALA A 171 -20.20 -19.77 -6.30
N VAL A 172 -19.49 -20.85 -6.01
CA VAL A 172 -20.08 -22.09 -5.51
C VAL A 172 -21.16 -21.89 -4.44
N ARG A 173 -20.87 -21.08 -3.44
CA ARG A 173 -21.82 -20.83 -2.36
C ARG A 173 -22.92 -19.85 -2.70
N CYS A 174 -22.98 -19.38 -3.95
CA CYS A 174 -24.01 -18.41 -4.34
C CYS A 174 -24.98 -18.97 -5.37
N GLU A 175 -24.52 -19.97 -6.11
CA GLU A 175 -25.28 -20.49 -7.22
C GLU A 175 -26.69 -20.93 -6.83
N VAL A 176 -26.79 -21.74 -5.77
CA VAL A 176 -28.10 -22.18 -5.34
C VAL A 176 -28.89 -21.01 -4.75
N PRO A 177 -28.44 -20.47 -3.62
CA PRO A 177 -29.27 -19.45 -2.98
C PRO A 177 -29.80 -18.36 -3.91
N PHE A 178 -29.02 -17.96 -4.91
CA PHE A 178 -29.40 -16.79 -5.72
C PHE A 178 -29.72 -17.10 -7.17
N GLY A 179 -29.55 -18.37 -7.54
CA GLY A 179 -29.95 -18.83 -8.85
C GLY A 179 -29.07 -18.28 -9.97
N LEU A 180 -27.80 -18.64 -9.91
CA LEU A 180 -26.81 -18.12 -10.81
C LEU A 180 -25.92 -19.27 -11.29
N THR A 181 -25.29 -19.12 -12.45
CA THR A 181 -24.28 -20.08 -12.89
C THR A 181 -22.99 -19.37 -13.23
N THR A 182 -22.05 -20.11 -13.81
CA THR A 182 -20.76 -19.53 -14.10
C THR A 182 -20.25 -19.90 -15.49
N SER A 183 -19.07 -19.38 -15.80
CA SER A 183 -18.35 -19.70 -17.02
C SER A 183 -16.89 -19.61 -16.67
N PRO A 184 -16.07 -20.46 -17.29
CA PRO A 184 -14.62 -20.36 -17.15
C PRO A 184 -14.27 -18.96 -17.60
N HIS A 185 -13.28 -18.33 -16.97
CA HIS A 185 -13.02 -16.92 -17.26
C HIS A 185 -12.24 -16.79 -18.55
N PRO A 186 -12.75 -15.96 -19.49
CA PRO A 186 -12.17 -15.79 -20.84
C PRO A 186 -10.80 -15.10 -20.86
N ALA A 187 -10.51 -14.25 -19.89
CA ALA A 187 -9.19 -13.62 -19.81
C ALA A 187 -8.16 -14.45 -19.04
N LYS A 188 -6.91 -14.09 -19.24
CA LYS A 188 -5.82 -14.65 -18.47
C LYS A 188 -5.77 -13.95 -17.10
N LEU A 189 -6.12 -14.68 -16.06
CA LEU A 189 -6.01 -14.12 -14.71
C LEU A 189 -5.27 -15.09 -13.80
N PRO A 190 -4.68 -14.56 -12.73
CA PRO A 190 -3.88 -15.37 -11.81
C PRO A 190 -4.73 -16.37 -11.03
N ASP A 191 -4.15 -17.49 -10.64
CA ASP A 191 -4.82 -18.40 -9.72
C ASP A 191 -4.80 -17.78 -8.34
N ILE A 192 -5.69 -18.23 -7.49
CA ILE A 192 -5.79 -17.69 -6.13
C ILE A 192 -5.27 -18.72 -5.11
N ALA A 193 -4.21 -18.35 -4.38
CA ALA A 193 -3.58 -19.26 -3.43
C ALA A 193 -3.95 -18.93 -1.98
N ILE A 194 -4.88 -19.69 -1.43
CA ILE A 194 -5.36 -19.45 -0.09
C ILE A 194 -4.57 -20.28 0.93
N ASN A 195 -4.02 -19.61 1.92
CA ASN A 195 -3.13 -20.27 2.88
C ASN A 195 -3.60 -20.17 4.33
N LEU A 196 -3.07 -21.07 5.17
CA LEU A 196 -3.30 -21.06 6.61
C LEU A 196 -2.03 -20.57 7.31
N PHE A 197 -2.15 -19.58 8.19
CA PHE A 197 -0.98 -18.98 8.83
C PHE A 197 -1.04 -19.08 10.36
N TRP A 198 0.06 -19.46 11.00
CA TRP A 198 0.17 -19.31 12.45
C TRP A 198 1.53 -18.78 12.88
N HIS A 199 1.57 -18.10 14.01
CA HIS A 199 2.82 -17.51 14.47
C HIS A 199 3.71 -18.58 15.07
N ALA A 200 5.00 -18.46 14.81
CA ALA A 200 5.96 -19.47 15.22
C ALA A 200 5.88 -19.74 16.72
N LYS A 201 5.75 -18.67 17.51
CA LYS A 201 5.71 -18.73 18.96
C LYS A 201 4.73 -19.76 19.47
N TYR A 202 3.72 -20.07 18.66
CA TYR A 202 2.64 -20.99 19.04
C TYR A 202 2.67 -22.27 18.25
N ASN A 203 3.77 -22.51 17.56
CA ASN A 203 3.85 -23.67 16.70
C ASN A 203 3.56 -24.95 17.49
N ARG A 204 3.96 -24.95 18.75
CA ARG A 204 3.84 -26.18 19.53
C ARG A 204 2.75 -26.08 20.59
N ASP A 205 1.65 -25.41 20.26
CA ASP A 205 0.53 -25.30 21.16
C ASP A 205 -0.51 -26.37 20.86
N PRO A 206 -0.80 -27.22 21.86
CA PRO A 206 -1.72 -28.35 21.68
C PRO A 206 -3.01 -27.97 20.97
N GLY A 207 -3.71 -26.98 21.52
CA GLY A 207 -5.00 -26.59 20.99
C GLY A 207 -4.91 -25.96 19.62
N ASN A 208 -3.91 -25.12 19.43
CA ASN A 208 -3.69 -24.49 18.12
C ASN A 208 -3.44 -25.50 17.00
N MET A 209 -2.55 -26.47 17.27
CA MET A 209 -2.27 -27.54 16.34
C MET A 209 -3.55 -28.29 16.02
N TRP A 210 -4.40 -28.43 17.02
CA TRP A 210 -5.67 -29.10 16.81
C TRP A 210 -6.50 -28.38 15.76
N LEU A 211 -6.66 -27.07 15.94
CA LEU A 211 -7.46 -26.29 15.01
C LEU A 211 -6.86 -26.32 13.61
N ARG A 212 -5.58 -26.01 13.53
CA ARG A 212 -4.81 -26.18 12.30
C ARG A 212 -5.23 -27.43 11.54
N GLN A 213 -5.05 -28.59 12.16
CA GLN A 213 -5.33 -29.85 11.49
C GLN A 213 -6.79 -29.96 11.02
N LEU A 214 -7.71 -29.43 11.81
CA LEU A 214 -9.11 -29.52 11.46
C LEU A 214 -9.35 -28.80 10.13
N PHE A 215 -8.73 -27.63 9.98
CA PHE A 215 -8.81 -26.89 8.73
C PHE A 215 -8.20 -27.67 7.59
N VAL A 216 -6.94 -28.06 7.76
CA VAL A 216 -6.26 -28.85 6.74
C VAL A 216 -7.19 -29.98 6.33
N GLU A 217 -7.90 -30.52 7.32
CA GLU A 217 -8.77 -31.67 7.09
C GLU A 217 -10.01 -31.31 6.26
N LEU A 218 -10.76 -30.33 6.74
CA LEU A 218 -11.98 -29.91 6.06
C LEU A 218 -11.70 -29.23 4.72
N PHE A 219 -10.48 -28.75 4.53
CA PHE A 219 -10.16 -28.02 3.31
C PHE A 219 -8.85 -28.42 2.64
N SER A 220 -9.00 -28.53 1.32
CA SER A 220 -8.08 -29.14 0.39
C SER A 220 -8.92 -29.30 -0.89
N GLU A 221 -9.08 -30.53 -1.38
CA GLU A 221 -9.96 -30.77 -2.52
C GLU A 221 -11.05 -31.80 -2.21
N PHE B 11 -29.83 18.64 -16.31
CA PHE B 11 -29.44 17.25 -16.08
C PHE B 11 -30.43 16.24 -16.65
N ASP B 12 -30.02 15.45 -17.64
CA ASP B 12 -30.89 14.40 -18.17
C ASP B 12 -30.39 12.99 -17.83
N PRO B 13 -31.13 12.31 -16.95
CA PRO B 13 -30.82 10.96 -16.46
C PRO B 13 -30.62 9.94 -17.58
N PHE B 14 -31.49 10.00 -18.60
CA PHE B 14 -31.46 9.02 -19.68
C PHE B 14 -30.24 9.22 -20.55
N ALA B 15 -29.59 10.38 -20.41
CA ALA B 15 -28.45 10.73 -21.25
C ALA B 15 -27.17 10.73 -20.46
N SER B 16 -27.29 10.86 -19.14
CA SER B 16 -26.11 11.10 -18.30
C SER B 16 -25.15 9.91 -18.19
N THR B 17 -23.87 10.25 -18.10
CA THR B 17 -22.80 9.28 -18.01
C THR B 17 -22.00 9.52 -16.73
N ARG B 18 -22.57 10.38 -15.89
CA ARG B 18 -22.00 10.74 -14.61
C ARG B 18 -21.81 9.53 -13.68
N THR B 19 -20.85 9.65 -12.76
CA THR B 19 -20.63 8.62 -11.74
C THR B 19 -21.00 9.16 -10.38
N PHE B 20 -21.97 8.53 -9.73
CA PHE B 20 -22.37 8.91 -8.38
C PHE B 20 -21.69 8.00 -7.36
N ASN B 21 -21.19 8.59 -6.27
CA ASN B 21 -20.51 7.83 -5.22
C ASN B 21 -21.30 7.82 -3.89
N LEU B 22 -21.46 6.64 -3.30
CA LEU B 22 -22.37 6.48 -2.17
C LEU B 22 -21.75 5.74 -0.99
N ALA B 23 -21.82 6.36 0.18
CA ALA B 23 -21.38 5.70 1.40
C ALA B 23 -22.53 4.94 2.01
N MET B 24 -22.30 3.70 2.39
CA MET B 24 -23.34 2.88 2.99
C MET B 24 -22.74 1.62 3.63
N THR B 25 -23.43 1.05 4.62
CA THR B 25 -22.96 -0.18 5.27
C THR B 25 -23.11 -1.38 4.35
N ASP B 26 -22.70 -2.55 4.85
CA ASP B 26 -22.80 -3.76 4.05
C ASP B 26 -24.26 -4.20 3.94
N ILE B 27 -24.98 -4.11 5.06
CA ILE B 27 -26.40 -4.38 5.03
C ILE B 27 -27.03 -3.46 4.01
N GLY B 28 -26.71 -2.17 4.12
CA GLY B 28 -27.31 -1.16 3.27
C GLY B 28 -27.02 -1.42 1.82
N GLU B 29 -25.89 -2.10 1.58
CA GLU B 29 -25.41 -2.43 0.23
C GLU B 29 -26.29 -3.45 -0.47
N MET B 30 -26.54 -4.57 0.21
CA MET B 30 -27.39 -5.62 -0.36
C MET B 30 -28.89 -5.38 -0.17
N TYR B 31 -29.23 -4.35 0.60
CA TYR B 31 -30.62 -3.93 0.70
C TYR B 31 -30.95 -2.97 -0.44
N PHE B 32 -30.15 -1.91 -0.56
CA PHE B 32 -30.40 -0.81 -1.48
C PHE B 32 -30.03 -1.06 -2.94
N MET B 33 -28.81 -1.54 -3.16
CA MET B 33 -28.31 -1.69 -4.52
C MET B 33 -29.18 -2.54 -5.47
N PRO B 34 -29.53 -3.77 -5.06
CA PRO B 34 -30.34 -4.62 -5.94
C PRO B 34 -31.55 -3.92 -6.56
N PRO B 35 -32.47 -3.38 -5.73
CA PRO B 35 -33.59 -2.66 -6.33
C PRO B 35 -33.10 -1.46 -7.14
N LEU B 36 -32.24 -0.63 -6.55
CA LEU B 36 -31.70 0.55 -7.24
C LEU B 36 -31.18 0.25 -8.64
N MET B 37 -30.26 -0.70 -8.77
CA MET B 37 -29.74 -1.09 -10.07
C MET B 37 -30.85 -1.42 -11.09
N GLU B 38 -31.87 -2.15 -10.63
CA GLU B 38 -33.01 -2.54 -11.45
C GLU B 38 -33.79 -1.30 -11.89
N ALA B 39 -33.99 -0.38 -10.96
CA ALA B 39 -34.59 0.91 -11.25
C ALA B 39 -33.78 1.66 -12.31
N LEU B 40 -32.49 1.81 -12.07
CA LEU B 40 -31.63 2.57 -12.95
C LEU B 40 -31.55 1.96 -14.34
N ALA B 41 -31.62 0.64 -14.42
CA ALA B 41 -31.47 -0.02 -15.71
C ALA B 41 -32.42 0.56 -16.77
N GLN B 42 -33.60 1.00 -16.36
CA GLN B 42 -34.57 1.55 -17.29
C GLN B 42 -34.58 3.06 -17.27
N ARG B 43 -34.16 3.67 -16.17
CA ARG B 43 -34.22 5.13 -16.00
C ARG B 43 -32.93 5.86 -16.37
N ALA B 44 -31.80 5.35 -15.93
CA ALA B 44 -30.53 5.95 -16.28
C ALA B 44 -29.58 4.84 -16.66
N PRO B 45 -29.53 4.53 -17.95
CA PRO B 45 -28.85 3.32 -18.42
C PRO B 45 -27.36 3.54 -18.63
N HIS B 46 -26.87 4.75 -18.43
CA HIS B 46 -25.48 5.05 -18.74
C HIS B 46 -24.72 5.67 -17.57
N ILE B 47 -25.44 5.98 -16.50
CA ILE B 47 -24.85 6.43 -15.23
C ILE B 47 -23.99 5.31 -14.68
N GLN B 48 -22.98 5.66 -13.88
CA GLN B 48 -22.28 4.65 -13.11
C GLN B 48 -22.36 4.93 -11.61
N ILE B 49 -22.54 3.85 -10.84
CA ILE B 49 -22.62 3.91 -9.40
C ILE B 49 -21.42 3.31 -8.69
N SER B 50 -20.88 3.99 -7.71
CA SER B 50 -19.86 3.39 -6.88
C SER B 50 -20.21 3.59 -5.42
N THR B 51 -19.95 2.58 -4.60
CA THR B 51 -20.26 2.67 -3.18
C THR B 51 -19.03 2.41 -2.31
N LEU B 52 -19.03 2.97 -1.11
CA LEU B 52 -17.95 2.71 -0.18
C LEU B 52 -18.45 2.73 1.26
N ARG B 53 -17.64 2.21 2.18
CA ARG B 53 -18.01 2.14 3.58
C ARG B 53 -17.75 3.46 4.30
N PRO B 54 -18.63 3.83 5.25
CA PRO B 54 -18.48 5.13 5.94
C PRO B 54 -17.15 5.26 6.72
N ASN B 55 -16.45 4.14 6.93
CA ASN B 55 -15.19 4.12 7.70
C ASN B 55 -13.86 4.34 6.94
N ALA B 56 -13.92 4.39 5.60
CA ALA B 56 -12.73 4.68 4.79
C ALA B 56 -12.86 6.02 4.03
N ASN B 58 -11.50 10.16 5.05
CA ASN B 58 -12.70 9.35 5.18
C ASN B 58 -13.98 10.16 5.41
N LEU B 59 -14.98 9.88 4.58
CA LEU B 59 -16.27 10.58 4.60
C LEU B 59 -16.20 12.06 4.94
N LYS B 60 -17.10 12.50 5.83
CA LYS B 60 -17.37 13.89 6.15
C LYS B 60 -16.72 14.90 5.18
N GLU B 61 -15.38 14.93 5.19
CA GLU B 61 -14.60 15.73 4.26
C GLU B 61 -14.96 15.45 2.81
N ASP B 62 -15.06 14.15 2.50
CA ASP B 62 -15.37 13.70 1.14
C ASP B 62 -16.71 14.18 0.61
N MET B 63 -17.66 14.34 1.53
CA MET B 63 -18.97 14.82 1.15
C MET B 63 -18.88 16.29 0.77
N GLU B 64 -18.06 17.04 1.51
CA GLU B 64 -17.77 18.43 1.18
C GLU B 64 -17.12 18.51 -0.22
N SER B 65 -15.97 17.85 -0.36
CA SER B 65 -15.18 17.78 -1.61
C SER B 65 -15.94 17.30 -2.87
N GLY B 66 -17.07 16.61 -2.70
CA GLY B 66 -17.88 16.16 -3.82
C GLY B 66 -17.45 14.79 -4.30
N ALA B 67 -16.49 14.22 -3.55
CA ALA B 67 -15.99 12.86 -3.74
C ALA B 67 -17.06 11.82 -3.45
N VAL B 68 -17.87 12.05 -2.40
CA VAL B 68 -19.13 11.34 -2.23
C VAL B 68 -20.40 12.24 -2.26
N ASP B 69 -21.42 11.76 -2.96
CA ASP B 69 -22.62 12.54 -3.22
C ASP B 69 -23.69 12.38 -2.15
N LEU B 70 -23.99 11.13 -1.77
CA LEU B 70 -24.95 10.82 -0.72
C LEU B 70 -24.38 9.76 0.23
N ALA B 71 -25.04 9.58 1.36
CA ALA B 71 -24.65 8.55 2.32
C ALA B 71 -25.92 7.95 2.92
N LEU B 72 -25.88 6.69 3.29
CA LEU B 72 -27.09 6.07 3.85
C LEU B 72 -26.84 5.21 5.08
N GLY B 73 -27.58 5.52 6.15
CA GLY B 73 -27.50 4.71 7.36
C GLY B 73 -27.93 5.37 8.66
N LEU B 74 -27.41 4.82 9.76
CA LEU B 74 -27.69 5.35 11.07
C LEU B 74 -26.51 6.19 11.46
N LEU B 75 -26.19 7.17 10.64
CA LEU B 75 -24.97 7.92 10.82
C LEU B 75 -25.23 9.15 11.68
N PRO B 76 -24.87 9.04 12.97
CA PRO B 76 -25.20 10.08 13.95
C PRO B 76 -24.14 11.16 13.86
N GLU B 77 -22.97 10.73 13.41
CA GLU B 77 -21.81 11.60 13.26
C GLU B 77 -22.17 12.82 12.40
N LEU B 78 -22.98 12.61 11.37
CA LEU B 78 -23.26 13.67 10.40
C LEU B 78 -24.33 14.63 10.89
N GLN B 79 -23.93 15.86 11.20
CA GLN B 79 -24.89 16.87 11.65
C GLN B 79 -24.27 18.27 11.63
N THR B 80 -23.57 18.58 10.55
CA THR B 80 -22.94 19.88 10.38
C THR B 80 -22.80 20.16 8.89
N GLY B 81 -23.68 21.00 8.37
CA GLY B 81 -23.75 21.24 6.93
C GLY B 81 -24.28 19.99 6.26
N PHE B 82 -25.24 19.35 6.92
CA PHE B 82 -25.81 18.10 6.43
C PHE B 82 -27.34 18.07 6.51
N PHE B 83 -27.97 18.09 5.34
CA PHE B 83 -29.42 17.88 5.25
C PHE B 83 -29.65 16.39 5.38
N GLN B 84 -30.79 16.00 5.93
CA GLN B 84 -31.11 14.57 5.96
C GLN B 84 -32.59 14.31 5.94
N ARG B 85 -33.01 13.22 5.30
CA ARG B 85 -34.41 12.82 5.32
C ARG B 85 -34.53 11.36 5.74
N ARG B 86 -35.41 11.10 6.70
CA ARG B 86 -35.68 9.72 7.11
C ARG B 86 -36.34 8.94 6.00
N LEU B 87 -35.78 7.78 5.67
CA LEU B 87 -36.42 6.89 4.70
C LEU B 87 -37.39 5.95 5.43
N PHE B 88 -36.89 5.30 6.48
CA PHE B 88 -37.68 4.36 7.25
C PHE B 88 -37.07 4.02 8.60
N ARG B 89 -37.87 3.37 9.43
CA ARG B 89 -37.37 2.78 10.65
C ARG B 89 -37.64 1.29 10.51
N HIS B 90 -36.89 0.48 11.24
CA HIS B 90 -37.29 -0.93 11.35
C HIS B 90 -36.73 -1.55 12.62
N ARG B 91 -37.30 -2.67 13.04
CA ARG B 91 -36.99 -3.26 14.33
C ARG B 91 -35.99 -4.39 14.18
N TYR B 92 -35.35 -4.78 15.29
CA TYR B 92 -34.53 -5.98 15.30
C TYR B 92 -35.42 -7.20 15.34
N VAL B 93 -35.07 -8.22 14.60
CA VAL B 93 -35.83 -9.46 14.64
C VAL B 93 -34.94 -10.63 15.01
N CYS B 94 -35.55 -11.79 15.20
CA CYS B 94 -34.80 -12.97 15.57
C CYS B 94 -34.93 -13.93 14.43
N MET B 95 -33.80 -14.45 13.93
CA MET B 95 -33.77 -15.22 12.68
C MET B 95 -33.10 -16.59 12.87
N PHE B 96 -33.75 -17.64 12.35
CA PHE B 96 -33.23 -19.00 12.42
C PHE B 96 -33.72 -19.81 11.23
N ARG B 97 -33.11 -20.97 10.98
CA ARG B 97 -33.51 -21.80 9.83
C ARG B 97 -34.96 -22.31 9.96
N LYS B 98 -35.67 -22.39 8.84
CA LYS B 98 -37.10 -22.71 8.81
C LYS B 98 -37.45 -23.94 9.62
N ASP B 99 -36.58 -24.94 9.61
CA ASP B 99 -36.87 -26.17 10.36
C ASP B 99 -36.05 -26.37 11.64
N HIS B 100 -35.65 -25.26 12.24
CA HIS B 100 -34.87 -25.39 13.45
C HIS B 100 -35.61 -26.38 14.28
N PRO B 101 -34.87 -27.27 14.93
CA PRO B 101 -35.30 -28.40 15.77
C PRO B 101 -36.25 -27.97 16.89
N SER B 102 -36.11 -26.76 17.40
CA SER B 102 -36.86 -26.35 18.60
C SER B 102 -37.19 -24.86 18.73
N ALA B 103 -36.73 -24.06 17.77
CA ALA B 103 -36.98 -22.63 17.80
C ALA B 103 -38.42 -22.34 17.38
N LYS B 104 -39.01 -21.28 17.93
CA LYS B 104 -40.42 -20.99 17.72
C LYS B 104 -40.75 -19.50 17.55
N SER B 105 -41.88 -19.18 16.95
CA SER B 105 -42.28 -17.77 16.77
C SER B 105 -43.73 -17.53 17.21
N PRO B 106 -43.95 -16.60 18.16
CA PRO B 106 -42.99 -15.69 18.77
C PRO B 106 -42.07 -16.41 19.75
N MET B 107 -40.80 -16.12 19.65
CA MET B 107 -39.85 -16.65 20.59
C MET B 107 -40.06 -15.98 21.94
N SER B 108 -40.09 -16.79 23.00
CA SER B 108 -40.14 -16.27 24.37
C SER B 108 -38.75 -15.83 24.73
N LEU B 109 -38.64 -14.75 25.51
CA LEU B 109 -37.33 -14.34 25.98
C LEU B 109 -36.70 -15.50 26.76
N LYS B 110 -37.53 -16.27 27.46
CA LYS B 110 -37.02 -17.42 28.17
C LYS B 110 -36.26 -18.35 27.24
N GLN B 111 -36.76 -18.56 26.03
CA GLN B 111 -36.12 -19.50 25.10
C GLN B 111 -34.90 -18.91 24.43
N PHE B 112 -34.95 -17.61 24.24
CA PHE B 112 -33.88 -16.82 23.66
C PHE B 112 -32.62 -16.95 24.48
N THR B 113 -32.72 -16.76 25.79
CA THR B 113 -31.62 -17.02 26.71
C THR B 113 -31.03 -18.41 26.52
N GLU B 114 -31.88 -19.38 26.24
CA GLU B 114 -31.51 -20.80 26.30
C GLU B 114 -30.76 -21.34 25.07
N LEU B 115 -31.07 -20.83 23.89
CA LEU B 115 -30.46 -21.33 22.67
C LEU B 115 -29.10 -20.68 22.50
N GLU B 116 -28.37 -21.17 21.48
CA GLU B 116 -27.05 -20.66 21.08
C GLU B 116 -27.13 -19.64 19.96
N HIS B 117 -26.26 -18.66 19.98
CA HIS B 117 -26.34 -17.51 19.06
C HIS B 117 -25.10 -17.32 18.21
N VAL B 118 -25.26 -16.66 17.06
CA VAL B 118 -24.13 -16.04 16.38
C VAL B 118 -24.35 -14.56 16.58
N GLY B 119 -23.29 -13.85 16.97
CA GLY B 119 -23.37 -12.43 17.19
C GLY B 119 -22.57 -11.68 16.16
N VAL B 120 -23.09 -10.53 15.74
CA VAL B 120 -22.37 -9.66 14.81
C VAL B 120 -21.81 -8.43 15.54
N VAL B 121 -20.50 -8.20 15.47
CA VAL B 121 -19.92 -7.07 16.21
C VAL B 121 -20.53 -5.73 15.80
N ALA B 122 -20.65 -5.49 14.49
CA ALA B 122 -21.09 -4.19 13.95
C ALA B 122 -22.15 -3.50 14.81
N THR B 125 -22.23 2.48 12.71
CA THR B 125 -23.68 2.29 12.64
C THR B 125 -24.36 2.21 14.00
N GLY B 126 -23.62 2.46 15.07
CA GLY B 126 -24.19 2.42 16.40
C GLY B 126 -23.76 1.19 17.17
N HIS B 127 -24.56 0.11 17.08
CA HIS B 127 -25.73 0.08 16.20
C HIS B 127 -26.89 0.89 16.81
N GLY B 128 -27.51 0.39 17.87
CA GLY B 128 -27.13 -0.87 18.45
C GLY B 128 -26.48 -0.75 19.80
N GLU B 129 -25.29 -1.34 19.91
CA GLU B 129 -24.75 -1.69 21.21
C GLU B 129 -25.74 -2.69 21.83
N VAL B 130 -26.56 -3.30 20.95
CA VAL B 130 -27.51 -4.35 21.29
C VAL B 130 -27.05 -5.19 22.47
N ASP B 131 -25.85 -5.74 22.34
CA ASP B 131 -25.32 -6.68 23.32
C ASP B 131 -25.16 -6.04 24.70
N GLY B 132 -24.98 -4.73 24.73
CA GLY B 132 -24.91 -4.01 25.99
C GLY B 132 -26.21 -4.12 26.78
N LEU B 133 -27.32 -3.83 26.11
CA LEU B 133 -28.64 -3.88 26.74
C LEU B 133 -29.00 -5.27 27.23
N LEU B 134 -28.59 -6.29 26.50
CA LEU B 134 -28.92 -7.64 26.92
C LEU B 134 -28.22 -7.92 28.21
N GLU B 135 -26.92 -7.62 28.24
CA GLU B 135 -26.08 -7.94 29.38
C GLU B 135 -26.56 -7.19 30.62
N ARG B 136 -26.97 -5.95 30.43
CA ARG B 136 -27.43 -5.17 31.56
C ARG B 136 -28.76 -5.62 32.10
N ALA B 137 -29.51 -6.36 31.28
CA ALA B 137 -30.82 -6.88 31.66
C ALA B 137 -30.70 -8.30 32.20
N GLY B 138 -29.45 -8.72 32.43
CA GLY B 138 -29.13 -9.97 33.05
C GLY B 138 -29.01 -11.11 32.06
N ILE B 139 -29.35 -10.84 30.80
CA ILE B 139 -29.41 -11.86 29.75
C ILE B 139 -28.05 -12.18 29.13
N LYS B 140 -27.44 -13.28 29.55
CA LYS B 140 -26.14 -13.71 29.02
C LYS B 140 -26.33 -14.78 27.94
N ARG B 141 -26.30 -14.38 26.67
CA ARG B 141 -26.42 -15.34 25.57
C ARG B 141 -25.30 -16.35 25.56
N ARG B 142 -25.60 -17.55 25.09
CA ARG B 142 -24.55 -18.54 24.88
C ARG B 142 -23.99 -18.31 23.48
N MET B 143 -22.95 -17.50 23.44
CA MET B 143 -22.43 -16.97 22.20
C MET B 143 -21.47 -17.93 21.50
N ARG B 144 -21.98 -18.87 20.70
CA ARG B 144 -21.10 -19.85 20.07
C ARG B 144 -20.14 -19.25 19.02
N LEU B 145 -20.65 -18.38 18.16
CA LEU B 145 -19.81 -17.73 17.15
C LEU B 145 -19.97 -16.22 17.20
N VAL B 146 -18.90 -15.47 16.88
CA VAL B 146 -18.97 -14.01 16.76
C VAL B 146 -18.25 -13.54 15.53
N VAL B 147 -19.01 -12.88 14.65
CA VAL B 147 -18.49 -12.33 13.39
C VAL B 147 -18.57 -10.79 13.35
N PRO B 148 -17.67 -10.16 12.55
CA PRO B 148 -17.57 -8.69 12.49
C PRO B 148 -18.73 -8.04 11.72
N HIS B 149 -19.19 -8.67 10.63
CA HIS B 149 -20.28 -8.13 9.84
C HIS B 149 -21.13 -9.26 9.29
N PHE B 150 -22.04 -8.93 8.39
CA PHE B 150 -23.18 -9.81 8.10
C PHE B 150 -23.09 -10.78 6.93
N ILE B 151 -22.00 -10.77 6.19
CA ILE B 151 -22.02 -11.56 4.95
C ILE B 151 -22.32 -13.03 5.17
N ALA B 152 -21.70 -13.64 6.18
CA ALA B 152 -21.80 -15.08 6.37
C ALA B 152 -22.99 -15.48 7.20
N ILE B 153 -23.70 -14.50 7.76
CA ILE B 153 -24.77 -14.82 8.70
C ILE B 153 -25.79 -15.81 8.12
N GLY B 154 -26.18 -15.55 6.88
CA GLY B 154 -27.27 -16.25 6.22
C GLY B 154 -27.05 -17.72 6.05
N PRO B 155 -25.90 -18.09 5.48
CA PRO B 155 -25.39 -19.46 5.38
C PRO B 155 -25.27 -20.16 6.71
N ILE B 156 -24.70 -19.45 7.69
CA ILE B 156 -24.45 -19.97 9.02
C ILE B 156 -25.73 -20.47 9.67
N LEU B 157 -26.77 -19.65 9.67
CA LEU B 157 -28.05 -20.07 10.21
C LEU B 157 -28.60 -21.29 9.46
N HIS B 158 -28.46 -21.29 8.15
CA HIS B 158 -28.94 -22.37 7.31
C HIS B 158 -28.33 -23.72 7.70
N SER B 159 -27.05 -23.72 8.07
CA SER B 159 -26.34 -24.99 8.25
C SER B 159 -26.14 -25.44 9.71
N THR B 160 -26.81 -24.76 10.63
CA THR B 160 -26.60 -24.95 12.06
C THR B 160 -27.89 -24.60 12.77
N ASP B 161 -27.95 -24.87 14.07
CA ASP B 161 -29.14 -24.58 14.85
C ASP B 161 -28.99 -23.27 15.62
N LEU B 162 -27.99 -22.48 15.25
CA LEU B 162 -27.77 -21.16 15.83
C LEU B 162 -28.87 -20.16 15.47
N ILE B 163 -29.19 -19.26 16.39
CA ILE B 163 -30.12 -18.16 16.10
C ILE B 163 -29.36 -16.83 16.14
N ALA B 164 -29.93 -15.78 15.55
CA ALA B 164 -29.22 -14.51 15.43
C ALA B 164 -30.17 -13.36 15.68
N THR B 165 -29.60 -12.25 16.13
CA THR B 165 -30.37 -11.01 16.31
C THR B 165 -30.06 -10.04 15.16
N VAL B 166 -31.01 -9.91 14.25
CA VAL B 166 -30.72 -9.30 12.97
C VAL B 166 -31.67 -8.13 12.66
N PRO B 167 -31.21 -7.12 11.89
CA PRO B 167 -32.12 -6.05 11.52
C PRO B 167 -33.15 -6.59 10.56
N GLN B 168 -34.40 -6.19 10.75
CA GLN B 168 -35.55 -6.72 10.00
C GLN B 168 -35.41 -6.76 8.46
N ARG B 169 -35.10 -5.63 7.84
CA ARG B 169 -34.92 -5.58 6.38
C ARG B 169 -33.73 -6.38 5.85
N PHE B 170 -32.79 -6.73 6.73
CA PHE B 170 -31.72 -7.64 6.36
C PHE B 170 -32.30 -9.03 6.33
N ALA B 171 -33.13 -9.35 7.32
CA ALA B 171 -33.75 -10.69 7.40
C ALA B 171 -34.52 -11.00 6.14
N VAL B 172 -35.35 -10.04 5.72
CA VAL B 172 -36.20 -10.15 4.54
C VAL B 172 -35.46 -10.68 3.31
N ARG B 173 -34.26 -10.16 3.04
CA ARG B 173 -33.50 -10.54 1.87
C ARG B 173 -32.72 -11.84 2.06
N CYS B 174 -32.92 -12.52 3.19
CA CYS B 174 -32.21 -13.76 3.46
C CYS B 174 -33.13 -14.95 3.52
N GLU B 175 -34.38 -14.71 3.87
CA GLU B 175 -35.33 -15.79 4.14
C GLU B 175 -35.46 -16.75 2.99
N VAL B 176 -35.63 -16.24 1.79
CA VAL B 176 -35.74 -17.12 0.64
C VAL B 176 -34.39 -17.77 0.32
N PRO B 177 -33.37 -16.98 -0.02
CA PRO B 177 -32.11 -17.62 -0.47
C PRO B 177 -31.58 -18.68 0.48
N PHE B 178 -31.72 -18.45 1.79
CA PHE B 178 -31.11 -19.37 2.74
C PHE B 178 -32.07 -20.25 3.54
N GLY B 179 -33.37 -20.03 3.34
CA GLY B 179 -34.40 -20.88 3.93
C GLY B 179 -34.51 -20.71 5.43
N LEU B 180 -34.87 -19.50 5.85
CA LEU B 180 -34.88 -19.16 7.25
C LEU B 180 -36.14 -18.38 7.49
N THR B 181 -36.59 -18.31 8.75
CA THR B 181 -37.72 -17.44 9.10
C THR B 181 -37.37 -16.57 10.28
N THR B 182 -38.34 -15.87 10.83
CA THR B 182 -38.05 -14.94 11.90
C THR B 182 -39.05 -15.01 13.04
N SER B 183 -38.78 -14.24 14.08
CA SER B 183 -39.70 -14.03 15.16
C SER B 183 -39.56 -12.59 15.57
N PRO B 184 -40.66 -11.96 15.97
CA PRO B 184 -40.56 -10.65 16.64
C PRO B 184 -39.56 -10.79 17.79
N HIS B 185 -38.77 -9.76 18.08
CA HIS B 185 -37.73 -9.91 19.09
C HIS B 185 -38.27 -9.82 20.51
N PRO B 186 -37.97 -10.82 21.34
CA PRO B 186 -38.54 -10.92 22.68
C PRO B 186 -38.07 -9.84 23.63
N ALA B 187 -36.86 -9.32 23.44
CA ALA B 187 -36.29 -8.26 24.29
C ALA B 187 -36.66 -6.87 23.81
N LYS B 188 -36.54 -5.92 24.72
CA LYS B 188 -36.73 -4.52 24.40
C LYS B 188 -35.46 -4.00 23.71
N LEU B 189 -35.55 -3.76 22.41
CA LEU B 189 -34.43 -3.16 21.70
C LEU B 189 -34.88 -1.95 20.90
N PRO B 190 -33.96 -1.04 20.62
CA PRO B 190 -34.27 0.22 19.95
C PRO B 190 -34.71 -0.01 18.50
N ASP B 191 -35.55 0.89 17.98
CA ASP B 191 -35.87 0.89 16.55
C ASP B 191 -34.69 1.41 15.78
N ILE B 192 -34.61 1.05 14.50
CA ILE B 192 -33.48 1.43 13.68
C ILE B 192 -33.90 2.51 12.68
N ALA B 193 -33.31 3.71 12.81
CA ALA B 193 -33.68 4.83 11.95
C ALA B 193 -32.67 5.09 10.83
N ILE B 194 -32.99 4.60 9.64
CA ILE B 194 -32.13 4.76 8.49
C ILE B 194 -32.43 6.04 7.70
N ASN B 195 -31.41 6.86 7.51
CA ASN B 195 -31.58 8.18 6.92
C ASN B 195 -30.77 8.36 5.66
N LEU B 196 -31.15 9.37 4.87
CA LEU B 196 -30.44 9.79 3.67
C LEU B 196 -29.73 11.11 3.95
N PHE B 197 -28.45 11.22 3.64
CA PHE B 197 -27.68 12.42 3.98
C PHE B 197 -27.04 13.04 2.75
N TRP B 198 -27.11 14.37 2.64
CA TRP B 198 -26.30 15.05 1.65
C TRP B 198 -25.68 16.33 2.19
N HIS B 199 -24.55 16.73 1.63
CA HIS B 199 -23.87 17.94 2.09
C HIS B 199 -24.55 19.21 1.59
N ALA B 200 -24.66 20.19 2.47
CA ALA B 200 -25.40 21.39 2.14
C ALA B 200 -24.91 21.99 0.82
N LYS B 201 -23.59 22.05 0.68
CA LYS B 201 -22.96 22.64 -0.50
C LYS B 201 -23.58 22.17 -1.82
N TYR B 202 -24.16 20.98 -1.80
CA TYR B 202 -24.74 20.38 -3.01
C TYR B 202 -26.23 20.27 -2.94
N ASN B 203 -26.84 20.95 -1.98
CA ASN B 203 -28.28 20.88 -1.84
C ASN B 203 -29.00 21.23 -3.16
N ARG B 204 -28.43 22.15 -3.93
CA ARG B 204 -29.11 22.62 -5.14
C ARG B 204 -28.44 22.11 -6.40
N ASP B 205 -27.97 20.87 -6.37
CA ASP B 205 -27.34 20.25 -7.54
C ASP B 205 -28.36 19.39 -8.28
N PRO B 206 -28.62 19.72 -9.54
CA PRO B 206 -29.66 19.06 -10.35
C PRO B 206 -29.60 17.53 -10.25
N GLY B 207 -28.44 16.96 -10.56
CA GLY B 207 -28.26 15.52 -10.57
C GLY B 207 -28.39 14.90 -9.20
N ASN B 208 -27.79 15.53 -8.21
CA ASN B 208 -27.88 15.05 -6.83
C ASN B 208 -29.33 14.98 -6.34
N MET B 209 -30.07 16.07 -6.51
CA MET B 209 -31.49 16.08 -6.14
C MET B 209 -32.22 14.95 -6.85
N TRP B 210 -31.79 14.65 -8.07
CA TRP B 210 -32.42 13.59 -8.81
C TRP B 210 -32.27 12.28 -8.07
N LEU B 211 -31.03 11.95 -7.69
CA LEU B 211 -30.74 10.69 -7.03
C LEU B 211 -31.48 10.63 -5.72
N ARG B 212 -31.35 11.69 -4.92
CA ARG B 212 -32.11 11.84 -3.68
C ARG B 212 -33.55 11.37 -3.85
N GLN B 213 -34.27 12.02 -4.76
CA GLN B 213 -35.68 11.68 -4.96
C GLN B 213 -35.91 10.23 -5.34
N LEU B 214 -35.01 9.67 -6.13
CA LEU B 214 -35.17 8.29 -6.55
C LEU B 214 -35.15 7.38 -5.34
N PHE B 215 -34.23 7.63 -4.43
CA PHE B 215 -34.19 6.89 -3.16
C PHE B 215 -35.48 7.07 -2.37
N VAL B 216 -35.79 8.33 -2.02
CA VAL B 216 -37.01 8.60 -1.31
C VAL B 216 -38.16 7.82 -1.94
N GLU B 217 -38.12 7.70 -3.27
CA GLU B 217 -39.19 7.06 -4.03
C GLU B 217 -39.19 5.55 -3.81
N LEU B 218 -38.07 4.90 -4.07
CA LEU B 218 -37.96 3.47 -3.95
C LEU B 218 -38.02 3.02 -2.51
N PHE B 219 -37.78 3.93 -1.57
CA PHE B 219 -37.77 3.54 -0.15
C PHE B 219 -38.48 4.54 0.76
N SER B 220 -39.39 4.04 1.59
CA SER B 220 -40.24 4.87 2.43
C SER B 220 -41.32 4.01 3.07
N SER C 10 19.68 -10.33 -36.36
CA SER C 10 19.34 -10.05 -34.98
C SER C 10 19.83 -8.68 -34.52
N PHE C 11 20.50 -8.69 -33.37
CA PHE C 11 21.03 -7.51 -32.69
C PHE C 11 22.48 -7.31 -33.15
N ASP C 12 23.17 -6.36 -32.57
CA ASP C 12 24.62 -6.21 -32.74
C ASP C 12 25.11 -5.20 -31.72
N PRO C 13 25.65 -5.68 -30.60
CA PRO C 13 26.00 -4.82 -29.46
C PRO C 13 27.06 -3.77 -29.79
N PHE C 14 28.08 -4.19 -30.52
CA PHE C 14 29.19 -3.30 -30.80
C PHE C 14 28.77 -2.21 -31.79
N ALA C 15 27.64 -2.42 -32.45
CA ALA C 15 27.19 -1.53 -33.50
C ALA C 15 25.98 -0.73 -33.09
N SER C 16 25.28 -1.24 -32.09
CA SER C 16 23.97 -0.72 -31.74
C SER C 16 23.99 0.64 -31.09
N THR C 17 22.93 1.40 -31.36
CA THR C 17 22.78 2.76 -30.89
C THR C 17 21.45 2.89 -30.16
N ARG C 18 20.86 1.73 -29.87
CA ARG C 18 19.62 1.59 -29.13
C ARG C 18 19.69 2.17 -27.72
N THR C 19 18.56 2.56 -27.19
CA THR C 19 18.45 3.03 -25.83
C THR C 19 17.65 2.03 -25.02
N PHE C 20 18.27 1.46 -23.99
CA PHE C 20 17.57 0.58 -23.07
C PHE C 20 17.12 1.34 -21.81
N ASN C 21 15.88 1.09 -21.37
CA ASN C 21 15.35 1.77 -20.20
C ASN C 21 15.15 0.79 -19.06
N LEU C 22 15.62 1.14 -17.86
CA LEU C 22 15.62 0.21 -16.72
C LEU C 22 15.03 0.76 -15.43
N ALA C 23 14.05 0.05 -14.88
CA ALA C 23 13.51 0.39 -13.57
C ALA C 23 14.33 -0.25 -12.43
N MET C 24 14.69 0.57 -11.45
CA MET C 24 15.49 0.08 -10.34
C MET C 24 15.46 1.05 -9.19
N THR C 25 15.69 0.57 -7.96
CA THR C 25 15.76 1.45 -6.79
C THR C 25 17.05 2.25 -6.75
N ASP C 26 17.20 3.08 -5.73
CA ASP C 26 18.37 3.93 -5.64
C ASP C 26 19.56 3.10 -5.29
N ILE C 27 19.41 2.21 -4.31
CA ILE C 27 20.46 1.27 -4.00
C ILE C 27 20.88 0.55 -5.28
N GLY C 28 19.89 0.01 -5.97
CA GLY C 28 20.10 -0.77 -7.17
C GLY C 28 20.85 0.03 -8.21
N GLU C 29 20.65 1.35 -8.19
CA GLU C 29 21.29 2.26 -9.13
C GLU C 29 22.79 2.34 -8.92
N MET C 30 23.22 2.62 -7.69
CA MET C 30 24.66 2.72 -7.42
C MET C 30 25.32 1.37 -7.16
N TYR C 31 24.51 0.30 -7.18
CA TYR C 31 25.08 -1.04 -7.10
C TYR C 31 25.38 -1.51 -8.50
N PHE C 32 24.35 -1.47 -9.35
CA PHE C 32 24.40 -2.04 -10.68
C PHE C 32 25.11 -1.16 -11.72
N MET C 33 24.75 0.13 -11.76
CA MET C 33 25.20 0.98 -12.86
C MET C 33 26.71 1.03 -13.02
N PRO C 34 27.44 1.37 -11.93
CA PRO C 34 28.91 1.44 -11.99
C PRO C 34 29.58 0.28 -12.72
N PRO C 35 29.39 -0.96 -12.25
CA PRO C 35 30.00 -2.07 -12.97
C PRO C 35 29.44 -2.16 -14.40
N LEU C 36 28.13 -2.06 -14.55
CA LEU C 36 27.49 -2.16 -15.86
C LEU C 36 28.10 -1.18 -16.91
N MET C 37 28.20 0.09 -16.54
CA MET C 37 28.76 1.09 -17.46
C MET C 37 30.17 0.72 -17.89
N GLU C 38 30.94 0.19 -16.94
CA GLU C 38 32.32 -0.25 -17.21
C GLU C 38 32.32 -1.41 -18.18
N ALA C 39 31.40 -2.34 -17.96
CA ALA C 39 31.22 -3.47 -18.86
C ALA C 39 30.88 -2.99 -20.27
N LEU C 40 29.84 -2.16 -20.34
CA LEU C 40 29.36 -1.68 -21.63
C LEU C 40 30.43 -0.90 -22.38
N ALA C 41 31.24 -0.15 -21.65
CA ALA C 41 32.23 0.71 -22.28
C ALA C 41 33.05 -0.03 -23.33
N GLN C 42 33.37 -1.30 -23.07
CA GLN C 42 34.13 -2.08 -24.03
C GLN C 42 33.25 -2.95 -24.92
N ARG C 43 32.04 -3.29 -24.46
CA ARG C 43 31.16 -4.24 -25.17
C ARG C 43 30.14 -3.58 -26.10
N ALA C 44 29.48 -2.55 -25.61
CA ALA C 44 28.53 -1.81 -26.43
C ALA C 44 28.77 -0.32 -26.24
N PRO C 45 29.62 0.27 -27.09
CA PRO C 45 30.14 1.60 -26.82
C PRO C 45 29.22 2.69 -27.32
N HIS C 46 28.12 2.31 -27.97
CA HIS C 46 27.25 3.31 -28.59
C HIS C 46 25.78 3.22 -28.13
N ILE C 47 25.44 2.16 -27.40
CA ILE C 47 24.17 2.02 -26.70
C ILE C 47 23.97 3.18 -25.74
N GLN C 48 22.71 3.55 -25.46
CA GLN C 48 22.46 4.47 -24.35
C GLN C 48 21.57 3.84 -23.30
N ILE C 49 21.84 4.14 -22.03
CA ILE C 49 21.08 3.55 -20.94
C ILE C 49 20.31 4.61 -20.23
N SER C 50 19.06 4.33 -19.90
CA SER C 50 18.34 5.22 -19.00
C SER C 50 17.66 4.45 -17.90
N THR C 51 17.66 4.99 -16.69
CA THR C 51 17.03 4.29 -15.58
C THR C 51 15.95 5.14 -14.93
N LEU C 52 15.00 4.50 -14.25
CA LEU C 52 13.95 5.23 -13.51
C LEU C 52 13.53 4.43 -12.31
N ARG C 53 12.81 5.08 -11.40
CA ARG C 53 12.27 4.41 -10.21
C ARG C 53 10.97 3.65 -10.49
N PRO C 54 10.77 2.49 -9.86
CA PRO C 54 9.58 1.65 -10.11
C PRO C 54 8.26 2.33 -9.72
N ASN C 55 8.29 3.22 -8.74
CA ASN C 55 7.11 4.01 -8.41
C ASN C 55 6.77 5.04 -9.51
N ALA C 56 7.78 5.81 -9.94
CA ALA C 56 7.64 6.91 -10.91
C ALA C 56 7.52 6.46 -12.37
N GLY C 57 6.30 6.10 -12.74
CA GLY C 57 5.97 5.50 -14.02
C GLY C 57 4.86 4.50 -13.75
N ASN C 58 4.04 4.21 -14.74
CA ASN C 58 3.08 3.12 -14.61
C ASN C 58 3.68 1.82 -15.12
N LEU C 59 4.90 1.56 -14.70
CA LEU C 59 5.82 0.63 -15.36
C LEU C 59 5.35 -0.78 -15.60
N LYS C 60 4.49 -1.33 -14.75
CA LYS C 60 3.77 -2.51 -15.18
C LYS C 60 3.29 -2.34 -16.63
N GLU C 61 2.46 -1.32 -16.85
CA GLU C 61 2.05 -0.92 -18.20
C GLU C 61 3.21 -0.63 -19.14
N ASP C 62 4.15 0.20 -18.68
CA ASP C 62 5.35 0.57 -19.42
C ASP C 62 6.20 -0.60 -19.89
N MET C 63 6.21 -1.68 -19.11
CA MET C 63 6.96 -2.87 -19.51
C MET C 63 6.24 -3.59 -20.66
N GLU C 64 4.91 -3.58 -20.65
CA GLU C 64 4.13 -4.09 -21.78
C GLU C 64 4.44 -3.26 -23.03
N SER C 65 4.21 -1.96 -22.88
CA SER C 65 4.41 -1.02 -23.97
C SER C 65 5.77 -1.16 -24.66
N GLY C 66 6.82 -1.35 -23.90
CA GLY C 66 8.17 -1.38 -24.43
C GLY C 66 8.92 -0.14 -24.01
N ALA C 67 8.23 0.69 -23.23
CA ALA C 67 8.82 1.90 -22.66
C ALA C 67 9.95 1.59 -21.65
N VAL C 68 9.79 0.52 -20.88
CA VAL C 68 10.85 -0.03 -20.04
C VAL C 68 11.19 -1.46 -20.48
N ASP C 69 12.47 -1.77 -20.58
CA ASP C 69 12.87 -3.08 -21.07
C ASP C 69 13.05 -4.15 -19.98
N LEU C 70 13.72 -3.77 -18.89
CA LEU C 70 13.94 -4.66 -17.73
C LEU C 70 13.68 -3.90 -16.45
N ALA C 71 13.63 -4.62 -15.33
CA ALA C 71 13.45 -3.99 -14.03
C ALA C 71 14.25 -4.81 -13.07
N LEU C 72 14.77 -4.16 -12.03
CA LEU C 72 15.54 -4.90 -11.03
C LEU C 72 15.16 -4.59 -9.59
N GLY C 73 14.90 -5.63 -8.80
CA GLY C 73 14.68 -5.46 -7.37
C GLY C 73 13.92 -6.56 -6.63
N LEU C 74 13.27 -6.15 -5.53
CA LEU C 74 12.43 -7.06 -4.78
C LEU C 74 11.00 -6.73 -5.14
N LEU C 75 10.69 -6.81 -6.43
CA LEU C 75 9.42 -6.33 -6.89
C LEU C 75 8.42 -7.49 -6.87
N PRO C 76 7.55 -7.51 -5.85
CA PRO C 76 6.61 -8.60 -5.63
C PRO C 76 5.37 -8.36 -6.47
N GLU C 77 5.16 -7.08 -6.77
CA GLU C 77 4.03 -6.66 -7.57
C GLU C 77 4.02 -7.37 -8.92
N LEU C 78 5.21 -7.58 -9.49
CA LEU C 78 5.31 -8.13 -10.84
C LEU C 78 5.14 -9.64 -10.84
N GLN C 79 3.97 -10.08 -11.26
CA GLN C 79 3.60 -11.47 -11.18
C GLN C 79 3.13 -12.02 -12.53
N THR C 80 2.02 -11.52 -13.04
CA THR C 80 1.48 -12.18 -14.20
C THR C 80 2.06 -11.57 -15.46
N GLY C 81 2.23 -12.38 -16.50
CA GLY C 81 2.98 -11.96 -17.68
C GLY C 81 4.33 -11.29 -17.32
N PHE C 82 5.17 -12.03 -16.61
CA PHE C 82 6.48 -11.53 -16.22
C PHE C 82 7.42 -12.69 -15.92
N PHE C 83 8.43 -12.84 -16.77
CA PHE C 83 9.47 -13.82 -16.52
C PHE C 83 10.42 -13.17 -15.54
N GLN C 84 11.04 -13.98 -14.69
CA GLN C 84 12.03 -13.46 -13.76
C GLN C 84 13.11 -14.48 -13.39
N ARG C 85 14.35 -14.01 -13.23
CA ARG C 85 15.43 -14.86 -12.75
C ARG C 85 16.13 -14.24 -11.56
N ARG C 86 16.28 -15.00 -10.49
CA ARG C 86 17.00 -14.53 -9.30
C ARG C 86 18.47 -14.29 -9.61
N LEU C 87 18.98 -13.11 -9.26
CA LEU C 87 20.39 -12.81 -9.43
C LEU C 87 21.12 -13.20 -8.16
N PHE C 88 20.60 -12.75 -7.02
CA PHE C 88 21.21 -13.07 -5.74
C PHE C 88 20.30 -12.80 -4.55
N ARG C 89 20.72 -13.27 -3.40
CA ARG C 89 20.10 -12.90 -2.14
C ARG C 89 21.18 -12.22 -1.32
N HIS C 90 20.79 -11.40 -0.36
CA HIS C 90 21.77 -10.89 0.58
C HIS C 90 21.10 -10.47 1.87
N ARG C 91 21.87 -10.42 2.95
CA ARG C 91 21.30 -10.19 4.28
C ARG C 91 21.41 -8.73 4.68
N TYR C 92 20.60 -8.32 5.67
CA TYR C 92 20.80 -7.04 6.32
C TYR C 92 22.04 -7.05 7.23
N VAL C 93 22.81 -5.98 7.19
CA VAL C 93 23.98 -5.86 8.05
C VAL C 93 23.88 -4.62 8.91
N CYS C 94 24.81 -4.48 9.83
CA CYS C 94 24.84 -3.31 10.67
C CYS C 94 26.10 -2.51 10.34
N MET C 95 25.94 -1.23 10.07
CA MET C 95 27.04 -0.41 9.55
C MET C 95 27.32 0.85 10.40
N PHE C 96 28.60 1.10 10.65
CA PHE C 96 29.02 2.25 11.46
C PHE C 96 30.42 2.69 11.05
N ARG C 97 30.81 3.91 11.43
CA ARG C 97 32.16 4.36 11.10
C ARG C 97 33.26 3.49 11.75
N LYS C 98 34.27 3.14 10.95
CA LYS C 98 35.51 2.57 11.47
C LYS C 98 36.41 3.78 11.74
N ASP C 99 36.61 4.09 13.02
CA ASP C 99 36.11 3.28 14.11
C ASP C 99 35.15 4.05 15.01
N HIS C 100 34.21 3.30 15.57
CA HIS C 100 33.19 3.85 16.45
C HIS C 100 33.74 3.89 17.87
N PRO C 101 33.44 4.96 18.60
CA PRO C 101 33.87 5.05 20.00
C PRO C 101 33.64 3.75 20.78
N SER C 102 32.59 2.99 20.43
CA SER C 102 32.17 1.87 21.27
C SER C 102 31.42 0.77 20.54
N ALA C 103 31.18 0.96 19.25
CA ALA C 103 30.51 -0.07 18.44
C ALA C 103 31.45 -1.23 18.10
N LYS C 104 30.92 -2.45 18.00
CA LYS C 104 31.79 -3.64 17.87
C LYS C 104 31.18 -4.70 16.93
N SER C 105 32.01 -5.62 16.44
CA SER C 105 31.54 -6.68 15.54
C SER C 105 32.07 -8.05 15.92
N PRO C 106 31.19 -9.03 16.16
CA PRO C 106 29.72 -9.00 16.00
C PRO C 106 29.03 -8.18 17.06
N MET C 107 28.14 -7.29 16.63
CA MET C 107 27.36 -6.50 17.56
C MET C 107 26.37 -7.38 18.31
N SER C 108 26.31 -7.23 19.62
CA SER C 108 25.33 -7.96 20.40
C SER C 108 24.01 -7.26 20.23
N LEU C 109 22.92 -8.02 20.23
CA LEU C 109 21.60 -7.40 20.19
C LEU C 109 21.50 -6.46 21.38
N LYS C 110 22.09 -6.86 22.50
CA LYS C 110 22.00 -6.05 23.69
C LYS C 110 22.57 -4.68 23.42
N GLN C 111 23.64 -4.60 22.63
CA GLN C 111 24.28 -3.30 22.33
C GLN C 111 23.54 -2.50 21.25
N PHE C 112 22.98 -3.22 20.30
CA PHE C 112 22.15 -2.66 19.25
C PHE C 112 20.98 -1.83 19.80
N THR C 113 20.26 -2.39 20.77
CA THR C 113 19.20 -1.70 21.47
C THR C 113 19.72 -0.40 22.05
N GLU C 114 20.96 -0.44 22.55
CA GLU C 114 21.51 0.66 23.35
C GLU C 114 22.00 1.90 22.57
N LEU C 115 22.63 1.69 21.41
CA LEU C 115 23.15 2.80 20.61
C LEU C 115 22.04 3.58 19.90
N GLU C 116 22.42 4.69 19.28
CA GLU C 116 21.50 5.51 18.48
C GLU C 116 21.56 5.18 16.97
N HIS C 117 20.44 5.36 16.26
CA HIS C 117 20.34 4.88 14.89
C HIS C 117 19.95 5.98 13.91
N VAL C 118 20.31 5.80 12.64
CA VAL C 118 19.55 6.43 11.55
C VAL C 118 18.71 5.38 10.85
N GLY C 119 17.46 5.71 10.60
CA GLY C 119 16.55 4.78 9.97
C GLY C 119 16.16 5.26 8.60
N VAL C 120 16.09 4.33 7.65
CA VAL C 120 15.66 4.65 6.29
C VAL C 120 14.22 4.20 6.10
N VAL C 121 13.34 5.08 5.65
CA VAL C 121 11.95 4.66 5.49
C VAL C 121 11.73 3.53 4.46
N ALA C 122 12.35 3.67 3.29
CA ALA C 122 12.20 2.72 2.18
C ALA C 122 12.01 1.27 2.60
N HIS C 127 7.61 0.56 5.99
CA HIS C 127 8.52 0.73 4.86
C HIS C 127 8.04 0.08 3.55
N GLY C 128 8.47 -1.16 3.24
CA GLY C 128 9.56 -1.88 3.89
C GLY C 128 9.25 -3.13 4.67
N GLU C 129 9.51 -3.09 5.98
CA GLU C 129 9.13 -4.13 6.98
C GLU C 129 10.07 -4.20 8.22
N VAL C 130 11.36 -4.02 8.00
CA VAL C 130 12.37 -4.17 9.05
C VAL C 130 11.93 -3.67 10.43
N ASP C 131 11.55 -2.40 10.51
CA ASP C 131 11.23 -1.75 11.77
C ASP C 131 10.03 -2.38 12.46
N GLY C 132 9.17 -3.02 11.69
CA GLY C 132 8.05 -3.71 12.26
C GLY C 132 8.52 -4.86 13.13
N LEU C 133 9.36 -5.73 12.56
CA LEU C 133 9.86 -6.89 13.29
C LEU C 133 10.60 -6.52 14.57
N LEU C 134 11.35 -5.44 14.53
CA LEU C 134 12.07 -5.01 15.73
C LEU C 134 11.06 -4.67 16.81
N GLU C 135 10.15 -3.76 16.49
CA GLU C 135 9.20 -3.30 17.47
C GLU C 135 8.41 -4.46 18.05
N ARG C 136 8.04 -5.43 17.23
CA ARG C 136 7.24 -6.54 17.73
C ARG C 136 8.08 -7.47 18.61
N ALA C 137 9.41 -7.37 18.48
CA ALA C 137 10.28 -8.21 19.29
C ALA C 137 10.70 -7.43 20.49
N GLY C 138 9.97 -6.34 20.74
CA GLY C 138 10.21 -5.54 21.92
C GLY C 138 11.36 -4.56 21.83
N ILE C 139 12.13 -4.62 20.73
CA ILE C 139 13.31 -3.76 20.53
C ILE C 139 12.97 -2.37 20.00
N LYS C 140 12.96 -1.37 20.89
CA LYS C 140 12.66 0.02 20.51
C LYS C 140 13.96 0.82 20.34
N ARG C 141 14.40 0.96 19.09
CA ARG C 141 15.62 1.69 18.79
C ARG C 141 15.50 3.14 19.25
N ARG C 142 16.64 3.73 19.62
CA ARG C 142 16.70 5.17 19.88
C ARG C 142 16.96 5.89 18.57
N MET C 143 15.88 6.22 17.89
CA MET C 143 15.94 6.64 16.49
C MET C 143 16.27 8.12 16.35
N ARG C 144 17.54 8.48 16.33
CA ARG C 144 17.87 9.89 16.32
C ARG C 144 17.51 10.61 15.00
N LEU C 145 17.80 9.98 13.86
CA LEU C 145 17.42 10.55 12.57
C LEU C 145 16.64 9.54 11.74
N VAL C 146 15.73 10.02 10.88
CA VAL C 146 15.01 9.15 9.93
C VAL C 146 14.99 9.76 8.54
N VAL C 147 15.52 9.04 7.57
CA VAL C 147 15.56 9.52 6.19
C VAL C 147 14.72 8.60 5.28
N PRO C 148 14.24 9.14 4.15
CA PRO C 148 13.38 8.41 3.20
C PRO C 148 14.16 7.36 2.40
N HIS C 149 15.37 7.68 1.95
CA HIS C 149 16.17 6.73 1.14
C HIS C 149 17.61 6.84 1.51
N PHE C 150 18.48 6.21 0.72
CA PHE C 150 19.84 5.97 1.19
C PHE C 150 20.97 6.94 0.86
N ILE C 151 20.71 7.98 0.07
CA ILE C 151 21.84 8.74 -0.46
C ILE C 151 22.78 9.31 0.61
N ALA C 152 22.21 9.85 1.68
CA ALA C 152 23.00 10.53 2.70
C ALA C 152 23.53 9.58 3.78
N ILE C 153 23.04 8.35 3.79
CA ILE C 153 23.39 7.43 4.87
C ILE C 153 24.90 7.41 5.13
N GLY C 154 25.67 7.27 4.05
CA GLY C 154 27.11 7.01 4.12
C GLY C 154 27.97 8.11 4.76
N PRO C 155 27.78 9.34 4.29
CA PRO C 155 28.24 10.53 4.99
C PRO C 155 27.81 10.54 6.48
N ILE C 156 26.53 10.28 6.71
CA ILE C 156 25.96 10.48 8.03
C ILE C 156 26.68 9.62 9.05
N LEU C 157 26.86 8.34 8.72
CA LEU C 157 27.61 7.46 9.59
C LEU C 157 29.05 7.93 9.80
N HIS C 158 29.67 8.40 8.73
CA HIS C 158 31.01 8.94 8.79
C HIS C 158 31.20 10.03 9.83
N SER C 159 30.21 10.91 9.96
CA SER C 159 30.41 12.14 10.71
C SER C 159 29.78 12.12 12.10
N THR C 160 29.26 10.95 12.49
CA THR C 160 28.48 10.85 13.71
C THR C 160 28.68 9.47 14.31
N ASP C 161 28.18 9.25 15.52
CA ASP C 161 28.34 7.94 16.14
C ASP C 161 27.13 7.06 15.93
N LEU C 162 26.26 7.49 15.02
CA LEU C 162 25.05 6.76 14.70
C LEU C 162 25.36 5.45 14.00
N ILE C 163 24.53 4.43 14.21
CA ILE C 163 24.62 3.18 13.46
C ILE C 163 23.38 3.02 12.57
N ALA C 164 23.42 2.11 11.60
CA ALA C 164 22.33 1.97 10.64
C ALA C 164 22.10 0.52 10.31
N THR C 165 20.88 0.19 9.88
CA THR C 165 20.57 -1.16 9.45
C THR C 165 20.44 -1.14 7.95
N VAL C 166 21.41 -1.72 7.26
CA VAL C 166 21.58 -1.48 5.85
C VAL C 166 21.64 -2.78 5.05
N PRO C 167 21.25 -2.77 3.77
CA PRO C 167 21.43 -4.00 3.00
C PRO C 167 22.92 -4.27 2.69
N GLN C 168 23.33 -5.52 2.78
CA GLN C 168 24.73 -5.89 2.68
C GLN C 168 25.47 -5.28 1.47
N ARG C 169 24.95 -5.51 0.26
CA ARG C 169 25.61 -5.01 -0.95
C ARG C 169 25.64 -3.50 -1.06
N PHE C 170 24.78 -2.82 -0.33
CA PHE C 170 24.87 -1.37 -0.26
C PHE C 170 26.04 -1.02 0.64
N ALA C 171 26.21 -1.77 1.73
CA ALA C 171 27.28 -1.47 2.67
C ALA C 171 28.62 -1.56 1.94
N VAL C 172 28.77 -2.64 1.19
CA VAL C 172 30.00 -2.87 0.42
C VAL C 172 30.48 -1.63 -0.34
N ARG C 173 29.57 -0.95 -1.03
CA ARG C 173 29.94 0.17 -1.83
C ARG C 173 30.13 1.45 -1.02
N CYS C 174 30.05 1.37 0.29
CA CYS C 174 30.19 2.57 1.13
C CYS C 174 31.42 2.53 2.04
N GLU C 175 31.86 1.32 2.34
CA GLU C 175 32.91 1.13 3.32
C GLU C 175 34.20 1.91 3.00
N VAL C 176 34.68 1.79 1.76
CA VAL C 176 35.84 2.56 1.38
C VAL C 176 35.51 4.06 1.35
N PRO C 177 34.68 4.50 0.39
CA PRO C 177 34.50 5.96 0.25
C PRO C 177 34.26 6.67 1.58
N PHE C 178 33.51 6.06 2.49
CA PHE C 178 33.12 6.79 3.71
C PHE C 178 33.76 6.33 5.02
N GLY C 179 34.58 5.27 4.90
CA GLY C 179 35.39 4.82 6.01
C GLY C 179 34.56 4.20 7.13
N LEU C 180 33.87 3.12 6.78
CA LEU C 180 32.90 2.49 7.64
C LEU C 180 33.11 0.98 7.57
N THR C 181 32.75 0.26 8.63
CA THR C 181 32.72 -1.22 8.56
C THR C 181 31.34 -1.77 8.89
N THR C 182 31.26 -3.08 9.07
CA THR C 182 29.97 -3.65 9.37
C THR C 182 30.02 -4.71 10.46
N SER C 183 28.85 -5.25 10.78
CA SER C 183 28.69 -6.36 11.70
C SER C 183 27.55 -7.20 11.20
N PRO C 184 27.66 -8.51 11.32
CA PRO C 184 26.51 -9.38 11.03
C PRO C 184 25.36 -8.87 11.87
N HIS C 185 24.12 -8.98 11.39
CA HIS C 185 23.02 -8.31 12.10
C HIS C 185 22.53 -9.17 13.24
N PRO C 186 22.48 -8.58 14.46
CA PRO C 186 22.13 -9.31 15.69
C PRO C 186 20.68 -9.82 15.74
N ALA C 187 19.76 -9.13 15.08
CA ALA C 187 18.36 -9.58 15.05
C ALA C 187 18.05 -10.55 13.90
N LYS C 188 16.98 -11.30 14.07
CA LYS C 188 16.46 -12.13 13.00
C LYS C 188 15.76 -11.24 11.97
N LEU C 189 16.38 -11.09 10.80
CA LEU C 189 15.74 -10.35 9.70
C LEU C 189 15.75 -11.16 8.40
N PRO C 190 14.80 -10.85 7.50
CA PRO C 190 14.62 -11.63 6.28
C PRO C 190 15.80 -11.46 5.34
N ASP C 191 16.09 -12.47 4.51
CA ASP C 191 17.06 -12.30 3.43
C ASP C 191 16.43 -11.43 2.36
N ILE C 192 17.28 -10.86 1.51
CA ILE C 192 16.80 -9.96 0.47
C ILE C 192 16.98 -10.63 -0.89
N ALA C 193 15.88 -10.89 -1.59
CA ALA C 193 15.94 -11.58 -2.88
C ALA C 193 15.78 -10.64 -4.07
N ILE C 194 16.89 -10.30 -4.69
CA ILE C 194 16.87 -9.36 -5.80
C ILE C 194 16.72 -10.09 -7.12
N ASN C 195 15.74 -9.70 -7.91
CA ASN C 195 15.44 -10.40 -9.14
C ASN C 195 15.52 -9.53 -10.40
N LEU C 196 15.60 -10.19 -11.55
CA LEU C 196 15.57 -9.54 -12.86
C LEU C 196 14.22 -9.84 -13.50
N PHE C 197 13.52 -8.81 -14.00
CA PHE C 197 12.18 -8.99 -14.54
C PHE C 197 12.07 -8.51 -15.99
N TRP C 198 11.46 -9.30 -16.87
CA TRP C 198 11.09 -8.79 -18.19
C TRP C 198 9.69 -9.21 -18.59
N HIS C 199 9.05 -8.41 -19.42
CA HIS C 199 7.70 -8.72 -19.86
C HIS C 199 7.70 -9.83 -20.90
N ALA C 200 6.78 -10.76 -20.75
CA ALA C 200 6.71 -11.91 -21.64
C ALA C 200 6.74 -11.49 -23.12
N LYS C 201 5.98 -10.45 -23.45
CA LYS C 201 5.84 -9.95 -24.81
C LYS C 201 7.19 -9.79 -25.51
N TYR C 202 8.24 -9.60 -24.71
CA TYR C 202 9.57 -9.34 -25.24
C TYR C 202 10.52 -10.46 -24.91
N ASN C 203 9.99 -11.62 -24.53
CA ASN C 203 10.85 -12.71 -24.13
C ASN C 203 11.81 -13.08 -25.23
N ARG C 204 11.37 -12.94 -26.47
CA ARG C 204 12.18 -13.39 -27.59
C ARG C 204 12.74 -12.22 -28.41
N ASP C 205 13.14 -11.16 -27.72
CA ASP C 205 13.72 -9.99 -28.38
C ASP C 205 15.23 -10.06 -28.31
N PRO C 206 15.89 -10.09 -29.47
CA PRO C 206 17.35 -10.28 -29.56
C PRO C 206 18.12 -9.38 -28.59
N GLY C 207 17.90 -8.07 -28.69
CA GLY C 207 18.61 -7.12 -27.86
C GLY C 207 18.29 -7.24 -26.39
N ASN C 208 17.03 -7.45 -26.07
CA ASN C 208 16.63 -7.63 -24.68
C ASN C 208 17.31 -8.84 -24.05
N MET C 209 17.26 -9.97 -24.74
CA MET C 209 17.91 -11.18 -24.25
C MET C 209 19.37 -10.91 -24.02
N TRP C 210 19.95 -10.06 -24.85
CA TRP C 210 21.35 -9.70 -24.72
C TRP C 210 21.62 -9.00 -23.38
N LEU C 211 20.83 -7.98 -23.10
CA LEU C 211 20.99 -7.24 -21.86
C LEU C 211 20.78 -8.15 -20.66
N ARG C 212 19.65 -8.86 -20.66
CA ARG C 212 19.39 -9.92 -19.68
C ARG C 212 20.66 -10.72 -19.34
N GLN C 213 21.25 -11.38 -20.33
CA GLN C 213 22.38 -12.24 -20.09
C GLN C 213 23.56 -11.47 -19.51
N LEU C 214 23.74 -10.23 -19.94
CA LEU C 214 24.84 -9.46 -19.42
C LEU C 214 24.71 -9.28 -17.90
N PHE C 215 23.51 -8.92 -17.45
CA PHE C 215 23.24 -8.83 -16.01
C PHE C 215 23.50 -10.18 -15.33
N VAL C 216 22.84 -11.23 -15.81
CA VAL C 216 23.00 -12.53 -15.20
C VAL C 216 24.50 -12.78 -15.07
N GLU C 217 25.24 -12.29 -16.05
CA GLU C 217 26.68 -12.53 -16.11
C GLU C 217 27.43 -11.75 -15.02
N LEU C 218 27.29 -10.44 -15.03
CA LEU C 218 27.97 -9.59 -14.07
C LEU C 218 27.49 -9.80 -12.64
N PHE C 219 26.34 -10.43 -12.45
CA PHE C 219 25.77 -10.62 -11.12
C PHE C 219 25.11 -12.02 -10.99
N SER C 220 25.63 -12.91 -10.15
CA SER C 220 24.91 -14.16 -9.84
C SER C 220 25.73 -15.12 -8.98
N PHE D 11 11.82 27.37 25.65
CA PHE D 11 12.28 26.16 24.94
C PHE D 11 13.74 25.80 25.29
N ASP D 12 13.94 24.58 25.77
CA ASP D 12 15.26 24.13 26.18
C ASP D 12 15.78 23.01 25.26
N PRO D 13 16.74 23.35 24.37
CA PRO D 13 17.35 22.41 23.42
C PRO D 13 18.03 21.22 24.10
N PHE D 14 18.76 21.50 25.19
CA PHE D 14 19.53 20.45 25.84
C PHE D 14 18.60 19.48 26.53
N ALA D 15 17.35 19.89 26.74
CA ALA D 15 16.37 19.10 27.48
C ALA D 15 15.30 18.49 26.57
N SER D 16 15.12 19.11 25.41
CA SER D 16 13.98 18.79 24.55
C SER D 16 14.06 17.42 23.90
N THR D 17 12.88 16.82 23.75
CA THR D 17 12.72 15.49 23.17
C THR D 17 11.78 15.58 21.99
N ARG D 18 11.55 16.82 21.56
CA ARG D 18 10.73 17.14 20.40
C ARG D 18 11.25 16.53 19.09
N THR D 19 10.34 16.30 18.16
CA THR D 19 10.70 15.81 16.84
C THR D 19 10.43 16.88 15.81
N PHE D 20 11.48 17.31 15.12
CA PHE D 20 11.35 18.30 14.05
C PHE D 20 11.31 17.59 12.69
N ASN D 21 10.39 18.02 11.82
CA ASN D 21 10.26 17.41 10.50
C ASN D 21 10.68 18.37 9.37
N LEU D 22 11.49 17.88 8.41
CA LEU D 22 12.14 18.77 7.44
C LEU D 22 12.01 18.28 6.01
N ALA D 23 11.50 19.15 5.14
CA ALA D 23 11.44 18.86 3.73
C ALA D 23 12.72 19.32 3.07
N MET D 24 13.30 18.43 2.28
CA MET D 24 14.52 18.77 1.56
C MET D 24 14.80 17.76 0.43
N THR D 25 15.56 18.18 -0.58
CA THR D 25 15.97 17.25 -1.65
C THR D 25 16.99 16.20 -1.20
N ASP D 26 17.39 15.35 -2.14
CA ASP D 26 18.35 14.32 -1.81
C ASP D 26 19.73 14.94 -1.65
N ILE D 27 20.08 15.86 -2.55
CA ILE D 27 21.31 16.61 -2.41
C ILE D 27 21.32 17.31 -1.05
N GLY D 28 20.24 18.02 -0.76
CA GLY D 28 20.09 18.78 0.47
C GLY D 28 20.21 17.91 1.69
N GLU D 29 19.80 16.65 1.53
CA GLU D 29 19.89 15.65 2.59
C GLU D 29 21.32 15.31 2.97
N MET D 30 22.16 14.97 1.99
CA MET D 30 23.54 14.61 2.31
C MET D 30 24.48 15.83 2.38
N TYR D 31 23.94 17.00 2.09
CA TYR D 31 24.70 18.24 2.33
C TYR D 31 24.49 18.72 3.76
N PHE D 32 23.20 18.88 4.14
CA PHE D 32 22.77 19.44 5.42
C PHE D 32 22.86 18.49 6.62
N MET D 33 22.30 17.30 6.49
CA MET D 33 22.18 16.40 7.63
C MET D 33 23.51 16.10 8.35
N PRO D 34 24.54 15.62 7.62
CA PRO D 34 25.83 15.28 8.23
C PRO D 34 26.35 16.34 9.22
N PRO D 35 26.56 17.59 8.76
CA PRO D 35 27.00 18.61 9.71
C PRO D 35 25.95 18.83 10.79
N LEU D 36 24.69 18.96 10.40
CA LEU D 36 23.60 19.18 11.37
C LEU D 36 23.58 18.15 12.51
N MET D 37 23.63 16.86 12.17
CA MET D 37 23.65 15.82 13.20
C MET D 37 24.81 15.96 14.16
N GLU D 38 25.98 16.29 13.61
CA GLU D 38 27.19 16.55 14.40
C GLU D 38 26.99 17.72 15.35
N ALA D 39 26.41 18.79 14.82
CA ALA D 39 26.04 19.94 15.62
C ALA D 39 25.10 19.57 16.76
N LEU D 40 24.00 18.91 16.42
CA LEU D 40 22.99 18.55 17.38
C LEU D 40 23.54 17.64 18.47
N ALA D 41 24.46 16.76 18.10
CA ALA D 41 24.97 15.75 19.03
C ALA D 41 25.41 16.38 20.35
N GLN D 42 25.96 17.59 20.29
CA GLN D 42 26.42 18.28 21.49
C GLN D 42 25.43 19.32 21.99
N ARG D 43 24.58 19.83 21.10
CA ARG D 43 23.65 20.90 21.45
C ARG D 43 22.25 20.44 21.87
N ALA D 44 21.66 19.52 21.11
CA ALA D 44 20.38 18.98 21.49
C ALA D 44 20.47 17.48 21.34
N PRO D 45 20.82 16.78 22.42
CA PRO D 45 21.18 15.36 22.33
C PRO D 45 19.97 14.42 22.40
N HIS D 46 18.77 14.98 22.58
CA HIS D 46 17.57 14.17 22.79
C HIS D 46 16.44 14.48 21.81
N ILE D 47 16.64 15.53 21.02
CA ILE D 47 15.75 15.89 19.90
C ILE D 47 15.75 14.78 18.88
N GLN D 48 14.66 14.62 18.14
CA GLN D 48 14.70 13.72 16.98
C GLN D 48 14.37 14.44 15.69
N ILE D 49 15.09 14.09 14.63
CA ILE D 49 14.91 14.70 13.33
C ILE D 49 14.33 13.74 12.33
N SER D 50 13.38 14.21 11.53
CA SER D 50 12.91 13.41 10.42
C SER D 50 12.87 14.28 9.18
N THR D 51 13.24 13.72 8.04
CA THR D 51 13.21 14.48 6.80
C THR D 51 12.35 13.78 5.75
N LEU D 52 11.83 14.55 4.78
CA LEU D 52 11.05 14.00 3.67
C LEU D 52 11.22 14.85 2.42
N ARG D 53 10.85 14.29 1.27
CA ARG D 53 10.98 15.00 0.00
C ARG D 53 9.82 15.97 -0.22
N PRO D 54 10.09 17.13 -0.81
CA PRO D 54 9.03 18.13 -1.05
C PRO D 54 7.94 17.57 -1.96
N ASN D 55 8.31 16.55 -2.71
CA ASN D 55 7.43 15.85 -3.64
C ASN D 55 6.59 14.75 -2.99
N ALA D 56 6.48 14.80 -1.67
CA ALA D 56 5.63 13.86 -0.95
C ALA D 56 4.50 14.57 -0.20
N GLY D 57 3.31 14.58 -0.83
CA GLY D 57 2.07 15.10 -0.24
C GLY D 57 1.90 16.61 -0.30
N ASN D 58 2.02 17.20 -1.50
CA ASN D 58 1.71 18.61 -1.74
C ASN D 58 2.54 19.61 -0.90
N LEU D 59 3.12 19.11 0.18
CA LEU D 59 3.88 19.90 1.15
C LEU D 59 3.00 20.94 1.81
N LYS D 60 3.20 22.16 1.31
CA LYS D 60 2.42 23.35 1.58
C LYS D 60 1.41 23.25 2.73
N GLU D 61 0.41 22.40 2.55
CA GLU D 61 -0.58 22.11 3.58
C GLU D 61 0.08 21.65 4.88
N ASP D 62 1.01 20.72 4.76
CA ASP D 62 1.74 20.17 5.89
C ASP D 62 2.50 21.21 6.72
N MET D 63 2.98 22.25 6.06
CA MET D 63 3.70 23.31 6.77
C MET D 63 2.72 24.16 7.56
N GLU D 64 1.61 24.50 6.89
CA GLU D 64 0.39 24.87 7.59
C GLU D 64 0.15 23.66 8.45
N SER D 65 -0.80 23.70 9.36
CA SER D 65 -0.80 22.70 10.41
C SER D 65 0.56 22.85 11.06
N GLY D 66 1.47 21.89 10.85
CA GLY D 66 2.68 21.80 11.66
C GLY D 66 3.29 20.41 11.59
N ALA D 67 2.84 19.67 10.58
CA ALA D 67 3.39 18.36 10.26
C ALA D 67 4.87 18.50 9.82
N VAL D 68 5.16 19.52 9.01
CA VAL D 68 6.55 19.90 8.75
C VAL D 68 6.89 21.31 9.24
N ASP D 69 8.05 21.40 9.88
CA ASP D 69 8.49 22.63 10.54
C ASP D 69 9.23 23.59 9.62
N LEU D 70 10.23 23.09 8.90
CA LEU D 70 11.01 23.89 7.95
C LEU D 70 11.13 23.15 6.62
N ALA D 71 11.62 23.85 5.60
CA ALA D 71 11.88 23.22 4.30
C ALA D 71 13.12 23.86 3.73
N LEU D 72 13.89 23.11 2.94
CA LEU D 72 15.10 23.68 2.38
C LEU D 72 15.28 23.35 0.91
N GLY D 73 15.48 24.41 0.11
CA GLY D 73 15.77 24.25 -1.31
C GLY D 73 15.49 25.44 -2.24
N LEU D 74 15.33 25.10 -3.51
CA LEU D 74 15.04 26.11 -4.52
C LEU D 74 13.56 26.05 -4.75
N LEU D 75 12.79 26.21 -3.68
CA LEU D 75 11.36 25.96 -3.75
C LEU D 75 10.64 27.24 -4.11
N PRO D 76 10.27 27.38 -5.40
CA PRO D 76 9.69 28.61 -5.92
C PRO D 76 8.21 28.60 -5.61
N GLU D 77 7.69 27.39 -5.47
CA GLU D 77 6.27 27.17 -5.22
C GLU D 77 5.85 27.90 -3.96
N LEU D 78 6.74 27.95 -2.97
CA LEU D 78 6.40 28.50 -1.66
C LEU D 78 6.45 30.02 -1.64
N GLN D 79 5.27 30.62 -1.48
CA GLN D 79 5.08 32.07 -1.39
C GLN D 79 4.40 32.44 -0.08
N GLY D 81 2.23 34.08 4.57
CA GLY D 81 2.15 32.77 3.91
C GLY D 81 3.44 31.91 4.06
N PHE D 82 4.59 32.49 3.73
CA PHE D 82 5.89 31.81 3.88
C PHE D 82 7.05 32.81 4.03
N PHE D 83 7.64 32.84 5.22
CA PHE D 83 8.85 33.61 5.41
C PHE D 83 9.99 32.81 4.83
N GLN D 84 11.03 33.49 4.37
CA GLN D 84 12.21 32.76 3.87
C GLN D 84 13.50 33.58 4.00
N ARG D 85 14.60 32.90 4.29
CA ARG D 85 15.90 33.56 4.30
C ARG D 85 16.90 32.78 3.45
N ARG D 86 17.58 33.49 2.56
CA ARG D 86 18.60 32.87 1.72
C ARG D 86 19.78 32.40 2.60
N LEU D 87 20.17 31.15 2.41
CA LEU D 87 21.35 30.64 3.10
C LEU D 87 22.57 30.90 2.22
N PHE D 88 22.49 30.47 0.97
CA PHE D 88 23.59 30.66 0.04
C PHE D 88 23.17 30.50 -1.42
N ARG D 89 24.07 30.89 -2.30
CA ARG D 89 23.96 30.59 -3.71
C ARG D 89 25.16 29.73 -4.06
N HIS D 90 25.04 28.93 -5.11
CA HIS D 90 26.23 28.26 -5.65
C HIS D 90 26.05 27.90 -7.12
N ARG D 91 27.18 27.70 -7.80
CA ARG D 91 27.17 27.53 -9.24
C ARG D 91 27.20 26.05 -9.64
N TYR D 92 26.84 25.77 -10.90
CA TYR D 92 27.01 24.44 -11.41
C TYR D 92 28.47 24.23 -11.72
N VAL D 93 28.97 23.04 -11.43
CA VAL D 93 30.35 22.70 -11.79
C VAL D 93 30.40 21.45 -12.67
N CYS D 94 31.57 21.15 -13.18
CA CYS D 94 31.73 19.98 -14.00
C CYS D 94 32.63 19.01 -13.26
N MET D 95 32.17 17.77 -13.08
CA MET D 95 32.86 16.82 -12.22
C MET D 95 33.27 15.54 -12.96
N PHE D 96 34.49 15.08 -12.72
CA PHE D 96 34.99 13.84 -13.34
C PHE D 96 36.05 13.20 -12.46
N ARG D 97 36.40 11.93 -12.70
CA ARG D 97 37.41 11.25 -11.88
C ARG D 97 38.80 11.87 -12.03
N LYS D 98 39.62 11.84 -10.98
CA LYS D 98 40.89 12.59 -10.93
C LYS D 98 42.00 12.05 -11.84
N ASP D 99 41.94 10.78 -12.19
CA ASP D 99 42.92 10.23 -13.11
C ASP D 99 42.37 10.23 -14.54
N HIS D 100 41.31 11.02 -14.78
CA HIS D 100 40.65 11.02 -16.08
C HIS D 100 41.66 11.00 -17.23
N PRO D 101 41.33 10.23 -18.29
CA PRO D 101 42.26 10.05 -19.42
C PRO D 101 42.52 11.34 -20.20
N SER D 102 41.57 12.26 -20.25
CA SER D 102 41.70 13.41 -21.13
C SER D 102 40.94 14.65 -20.69
N ALA D 103 40.14 14.54 -19.63
CA ALA D 103 39.40 15.68 -19.11
C ALA D 103 40.34 16.68 -18.40
N LYS D 104 40.03 17.98 -18.48
CA LYS D 104 40.92 19.03 -17.99
C LYS D 104 40.20 20.18 -17.28
N SER D 105 40.92 20.93 -16.44
CA SER D 105 40.32 22.08 -15.74
C SER D 105 41.16 23.35 -15.88
N PRO D 106 40.58 24.44 -16.42
CA PRO D 106 39.17 24.66 -16.77
C PRO D 106 38.82 23.95 -18.06
N MET D 107 37.71 23.23 -18.04
CA MET D 107 37.24 22.57 -19.24
C MET D 107 36.77 23.60 -20.29
N SER D 108 37.22 23.44 -21.52
CA SER D 108 36.75 24.31 -22.58
C SER D 108 35.37 23.82 -22.95
N LEU D 109 34.50 24.73 -23.36
CA LEU D 109 33.18 24.31 -23.82
C LEU D 109 33.34 23.36 -25.00
N LYS D 110 34.34 23.63 -25.84
CA LYS D 110 34.63 22.78 -26.99
C LYS D 110 34.87 21.34 -26.55
N GLN D 111 35.54 21.13 -25.42
CA GLN D 111 35.79 19.77 -24.92
C GLN D 111 34.57 19.11 -24.26
N PHE D 112 33.79 19.93 -23.58
CA PHE D 112 32.54 19.56 -22.96
C PHE D 112 31.58 18.92 -23.96
N THR D 113 31.38 19.57 -25.11
CA THR D 113 30.58 19.00 -26.19
C THR D 113 31.07 17.61 -26.54
N GLU D 114 32.39 17.44 -26.55
CA GLU D 114 33.04 16.28 -27.13
C GLU D 114 32.98 15.02 -26.25
N LEU D 115 33.11 15.18 -24.94
CA LEU D 115 33.10 14.02 -24.05
C LEU D 115 31.70 13.45 -23.83
N GLU D 116 31.64 12.29 -23.17
CA GLU D 116 30.38 11.62 -22.81
C GLU D 116 29.91 11.97 -21.40
N HIS D 117 28.60 12.06 -21.19
CA HIS D 117 28.05 12.56 -19.93
C HIS D 117 27.12 11.56 -19.24
N VAL D 118 26.96 11.71 -17.93
CA VAL D 118 25.77 11.20 -17.26
C VAL D 118 24.90 12.39 -16.91
N GLY D 119 23.62 12.27 -17.18
CA GLY D 119 22.72 13.36 -16.86
C GLY D 119 21.80 12.98 -15.73
N VAL D 120 21.44 13.97 -14.92
CA VAL D 120 20.46 13.76 -13.86
C VAL D 120 19.16 14.48 -14.21
N VAL D 121 18.03 13.77 -14.18
CA VAL D 121 16.76 14.38 -14.58
C VAL D 121 16.38 15.55 -13.68
N ALA D 122 16.45 15.35 -12.36
CA ALA D 122 16.04 16.33 -11.37
C ALA D 122 16.27 17.81 -11.75
N LEU D 123 15.32 18.51 -12.38
CA LEU D 123 13.96 18.09 -12.75
C LEU D 123 13.45 16.73 -12.18
N ASN D 124 12.58 16.80 -11.18
CA ASN D 124 11.94 18.05 -10.80
C ASN D 124 12.38 18.66 -9.47
N THR D 125 13.35 19.57 -9.52
CA THR D 125 13.65 20.50 -8.41
C THR D 125 14.04 21.89 -8.92
N GLY D 126 13.26 22.38 -9.89
CA GLY D 126 13.62 23.58 -10.62
C GLY D 126 13.99 23.14 -12.03
N HIS D 127 15.23 23.42 -12.41
CA HIS D 127 16.21 23.99 -11.47
C HIS D 127 16.88 25.32 -11.89
N GLY D 128 17.48 25.37 -13.08
CA GLY D 128 17.59 24.21 -13.93
C GLY D 128 17.02 24.31 -15.32
N GLU D 129 16.31 23.26 -15.72
CA GLU D 129 16.12 23.00 -17.13
C GLU D 129 17.52 23.21 -17.74
N VAL D 130 18.55 22.92 -16.93
CA VAL D 130 19.94 22.93 -17.39
C VAL D 130 20.02 22.46 -18.83
N ASP D 131 19.51 21.24 -19.07
CA ASP D 131 19.55 20.61 -20.38
C ASP D 131 18.82 21.41 -21.47
N GLY D 132 17.81 22.18 -21.08
CA GLY D 132 17.14 23.07 -22.01
C GLY D 132 18.08 24.11 -22.59
N LEU D 133 18.79 24.82 -21.72
CA LEU D 133 19.72 25.87 -22.14
C LEU D 133 20.86 25.35 -23.01
N LEU D 134 21.34 24.16 -22.73
CA LEU D 134 22.39 23.59 -23.54
C LEU D 134 21.87 23.40 -24.94
N GLU D 135 20.73 22.74 -25.04
CA GLU D 135 20.18 22.37 -26.34
C GLU D 135 19.86 23.60 -27.15
N ARG D 136 19.39 24.64 -26.48
CA ARG D 136 19.04 25.86 -27.19
C ARG D 136 20.25 26.61 -27.67
N ALA D 137 21.40 26.31 -27.07
CA ALA D 137 22.63 26.98 -27.43
C ALA D 137 23.39 26.13 -28.45
N GLY D 138 22.70 25.10 -28.94
CA GLY D 138 23.24 24.27 -29.99
C GLY D 138 24.05 23.10 -29.47
N ILE D 139 24.29 23.07 -28.15
CA ILE D 139 25.15 22.07 -27.53
C ILE D 139 24.45 20.76 -27.26
N LYS D 140 24.65 19.77 -28.09
CA LYS D 140 24.03 18.47 -27.91
C LYS D 140 25.01 17.47 -27.28
N ARG D 141 24.92 17.27 -25.97
CA ARG D 141 25.79 16.34 -25.26
C ARG D 141 25.66 14.91 -25.77
N ARG D 142 26.74 14.14 -25.69
CA ARG D 142 26.65 12.71 -25.96
C ARG D 142 26.22 12.03 -24.69
N MET D 143 24.94 11.84 -24.52
CA MET D 143 24.36 11.46 -23.24
C MET D 143 24.39 9.93 -23.05
N ARG D 144 25.47 9.39 -22.51
CA ARG D 144 25.54 7.94 -22.43
C ARG D 144 24.60 7.32 -21.36
N LEU D 145 24.50 7.94 -20.19
CA LEU D 145 23.57 7.47 -19.16
C LEU D 145 22.68 8.61 -18.66
N VAL D 146 21.45 8.30 -18.25
CA VAL D 146 20.59 9.30 -17.62
C VAL D 146 19.90 8.70 -16.43
N VAL D 147 20.09 9.36 -15.28
CA VAL D 147 19.53 8.93 -13.99
C VAL D 147 18.56 9.98 -13.42
N PRO D 148 17.63 9.54 -12.57
CA PRO D 148 16.61 10.44 -12.03
C PRO D 148 17.18 11.36 -10.98
N HIS D 149 18.03 10.85 -10.09
CA HIS D 149 18.59 11.70 -9.03
C HIS D 149 20.01 11.31 -8.77
N PHE D 150 20.59 11.88 -7.72
CA PHE D 150 22.04 11.92 -7.59
C PHE D 150 22.77 10.77 -6.87
N ILE D 151 22.05 9.85 -6.26
CA ILE D 151 22.76 8.92 -5.39
C ILE D 151 23.93 8.20 -6.07
N ALA D 152 23.75 7.76 -7.30
CA ALA D 152 24.74 6.88 -7.92
C ALA D 152 25.79 7.66 -8.66
N ILE D 153 25.57 8.96 -8.82
CA ILE D 153 26.46 9.79 -9.65
C ILE D 153 27.95 9.58 -9.33
N GLY D 154 28.25 9.59 -8.02
CA GLY D 154 29.58 9.60 -7.47
C GLY D 154 30.43 8.39 -7.83
N PRO D 155 29.92 7.20 -7.55
CA PRO D 155 30.46 5.92 -7.99
C PRO D 155 30.64 5.89 -9.51
N ILE D 156 29.62 6.35 -10.23
CA ILE D 156 29.58 6.26 -11.69
C ILE D 156 30.76 6.97 -12.31
N LEU D 157 30.99 8.21 -11.89
CA LEU D 157 32.15 8.97 -12.37
C LEU D 157 33.46 8.24 -12.01
N HIS D 158 33.52 7.68 -10.82
CA HIS D 158 34.69 6.98 -10.37
C HIS D 158 35.07 5.83 -11.28
N SER D 159 34.10 5.11 -11.79
CA SER D 159 34.39 3.86 -12.47
C SER D 159 34.34 3.92 -13.98
N THR D 160 34.25 5.13 -14.53
CA THR D 160 34.05 5.33 -15.96
C THR D 160 34.73 6.62 -16.34
N ASP D 161 34.74 6.94 -17.64
CA ASP D 161 35.32 8.21 -18.11
C ASP D 161 34.26 9.28 -18.34
N LEU D 162 33.06 9.04 -17.82
CA LEU D 162 31.96 9.95 -17.98
C LEU D 162 32.16 11.23 -17.16
N ILE D 163 31.63 12.33 -17.68
CA ILE D 163 31.61 13.59 -16.92
C ILE D 163 30.17 13.99 -16.63
N ALA D 164 29.98 14.87 -15.65
CA ALA D 164 28.64 15.23 -15.18
C ALA D 164 28.53 16.71 -14.89
N THR D 165 27.33 17.25 -14.99
CA THR D 165 27.08 18.65 -14.64
C THR D 165 26.37 18.69 -13.29
N VAL D 166 27.09 19.12 -12.26
CA VAL D 166 26.67 18.87 -10.89
C VAL D 166 26.66 20.14 -10.08
N PRO D 167 25.78 20.26 -9.07
CA PRO D 167 25.80 21.46 -8.24
C PRO D 167 27.05 21.45 -7.39
N GLN D 168 27.66 22.62 -7.24
CA GLN D 168 28.96 22.76 -6.60
C GLN D 168 29.06 22.10 -5.23
N ARG D 169 28.16 22.45 -4.32
CA ARG D 169 28.18 21.88 -2.95
C ARG D 169 27.93 20.37 -2.88
N PHE D 170 27.34 19.81 -3.93
CA PHE D 170 27.23 18.36 -4.03
C PHE D 170 28.59 17.81 -4.41
N ALA D 171 29.27 18.48 -5.34
CA ALA D 171 30.57 18.00 -5.79
C ALA D 171 31.50 17.88 -4.59
N VAL D 172 31.52 18.93 -3.77
CA VAL D 172 32.38 19.01 -2.60
C VAL D 172 32.35 17.74 -1.74
N ARG D 173 31.17 17.23 -1.47
CA ARG D 173 31.02 16.07 -0.60
C ARG D 173 31.30 14.76 -1.32
N CYS D 174 31.76 14.81 -2.56
CA CYS D 174 31.99 13.58 -3.33
C CYS D 174 33.44 13.39 -3.71
N GLU D 175 34.16 14.50 -3.76
CA GLU D 175 35.52 14.52 -4.27
C GLU D 175 36.42 13.55 -3.51
N VAL D 176 36.37 13.61 -2.19
CA VAL D 176 37.18 12.69 -1.40
C VAL D 176 36.65 11.27 -1.54
N PRO D 177 35.46 10.99 -1.01
CA PRO D 177 35.02 9.60 -1.01
C PRO D 177 35.20 8.89 -2.35
N PHE D 178 34.94 9.57 -3.47
CA PHE D 178 34.95 8.89 -4.78
C PHE D 178 36.13 9.23 -5.70
N GLY D 179 36.99 10.15 -5.26
CA GLY D 179 38.24 10.44 -5.95
C GLY D 179 37.98 11.12 -7.27
N LEU D 180 37.38 12.30 -7.19
CA LEU D 180 36.98 13.04 -8.36
C LEU D 180 37.40 14.48 -8.16
N THR D 181 37.55 15.25 -9.24
CA THR D 181 37.75 16.70 -9.12
C THR D 181 36.75 17.44 -9.95
N THR D 182 36.93 18.74 -10.10
CA THR D 182 35.96 19.54 -10.84
C THR D 182 36.60 20.52 -11.80
N SER D 183 35.74 21.27 -12.48
CA SER D 183 36.16 22.37 -13.33
C SER D 183 35.05 23.36 -13.25
N PRO D 184 35.40 24.66 -13.27
CA PRO D 184 34.37 25.69 -13.45
C PRO D 184 33.57 25.34 -14.70
N HIS D 185 32.26 25.61 -14.71
CA HIS D 185 31.45 25.17 -15.83
C HIS D 185 31.61 26.08 -17.05
N PRO D 186 31.94 25.50 -18.21
CA PRO D 186 32.25 26.25 -19.43
C PRO D 186 31.05 26.99 -20.01
N ALA D 187 29.83 26.48 -19.78
CA ALA D 187 28.61 27.12 -20.29
C ALA D 187 28.03 28.14 -19.33
N LYS D 188 27.19 29.01 -19.87
CA LYS D 188 26.46 29.96 -19.05
C LYS D 188 25.27 29.24 -18.42
N LEU D 189 25.35 29.01 -17.12
CA LEU D 189 24.22 28.43 -16.39
C LEU D 189 23.86 29.25 -15.16
N PRO D 190 22.62 29.12 -14.70
CA PRO D 190 22.12 29.97 -13.62
C PRO D 190 22.80 29.62 -12.31
N ASP D 191 22.88 30.59 -11.41
CA ASP D 191 23.33 30.31 -10.04
C ASP D 191 22.20 29.62 -9.31
N ILE D 192 22.55 28.92 -8.24
CA ILE D 192 21.59 28.13 -7.49
C ILE D 192 21.31 28.79 -6.14
N ALA D 193 20.08 29.28 -5.97
CA ALA D 193 19.71 29.99 -4.73
C ALA D 193 18.94 29.12 -3.73
N ILE D 194 19.64 28.60 -2.74
CA ILE D 194 19.06 27.72 -1.74
C ILE D 194 18.52 28.50 -0.55
N ASN D 195 17.24 28.28 -0.22
CA ASN D 195 16.59 29.08 0.81
C ASN D 195 16.01 28.26 1.96
N LEU D 196 15.81 28.93 3.09
CA LEU D 196 15.15 28.34 4.26
C LEU D 196 13.70 28.86 4.35
N PHE D 197 12.73 27.96 4.50
CA PHE D 197 11.33 28.35 4.49
C PHE D 197 10.57 27.91 5.73
N TRP D 198 9.80 28.83 6.31
CA TRP D 198 8.88 28.44 7.37
C TRP D 198 7.53 29.11 7.26
N HIS D 199 6.50 28.43 7.73
CA HIS D 199 5.14 28.94 7.61
C HIS D 199 4.90 30.06 8.63
N ALA D 200 4.21 31.10 8.16
CA ALA D 200 4.03 32.29 8.97
C ALA D 200 3.42 31.93 10.32
N LYS D 201 2.42 31.04 10.28
CA LYS D 201 1.72 30.61 11.48
C LYS D 201 2.65 30.24 12.63
N TYR D 202 3.88 29.85 12.30
CA TYR D 202 4.84 29.41 13.31
C TYR D 202 6.01 30.34 13.45
N ASN D 203 5.88 31.53 12.87
CA ASN D 203 6.98 32.47 12.89
C ASN D 203 7.48 32.72 14.30
N ARG D 204 6.56 32.70 15.26
CA ARG D 204 6.93 33.04 16.63
C ARG D 204 6.93 31.83 17.56
N ASP D 205 7.40 30.70 17.02
CA ASP D 205 7.49 29.48 17.82
C ASP D 205 8.90 29.30 18.35
N PRO D 206 9.04 29.24 19.68
CA PRO D 206 10.35 29.21 20.34
C PRO D 206 11.29 28.18 19.71
N GLY D 207 10.86 26.93 19.68
CA GLY D 207 11.71 25.87 19.18
C GLY D 207 12.01 26.00 17.70
N ASN D 208 11.00 26.37 16.91
CA ASN D 208 11.19 26.57 15.48
C ASN D 208 12.25 27.63 15.18
N MET D 209 12.12 28.78 15.82
CA MET D 209 13.09 29.85 15.67
C MET D 209 14.46 29.31 16.04
N TRP D 210 14.49 28.40 17.00
CA TRP D 210 15.76 27.88 17.43
C TRP D 210 16.41 27.15 16.26
N LEU D 211 15.67 26.24 15.64
CA LEU D 211 16.21 25.45 14.54
C LEU D 211 16.63 26.35 13.40
N ARG D 212 15.71 27.22 12.99
CA ARG D 212 16.00 28.26 12.02
C ARG D 212 17.39 28.83 12.23
N GLN D 213 17.63 29.39 13.40
CA GLN D 213 18.91 30.06 13.68
C GLN D 213 20.11 29.11 13.56
N LEU D 214 19.92 27.86 13.94
CA LEU D 214 21.02 26.90 13.88
C LEU D 214 21.44 26.71 12.43
N PHE D 215 20.47 26.61 11.54
CA PHE D 215 20.76 26.49 10.11
C PHE D 215 21.49 27.72 9.64
N VAL D 216 20.86 28.88 9.78
CA VAL D 216 21.46 30.14 9.39
C VAL D 216 22.91 30.15 9.87
N GLU D 217 23.13 29.58 11.04
CA GLU D 217 24.44 29.58 11.68
C GLU D 217 25.41 28.65 10.94
N LEU D 218 25.04 27.38 10.81
CA LEU D 218 25.91 26.39 10.19
C LEU D 218 26.06 26.61 8.69
N PHE D 219 25.20 27.43 8.10
CA PHE D 219 25.24 27.65 6.65
C PHE D 219 24.94 29.13 6.32
N SER D 220 25.86 29.87 5.67
CA SER D 220 25.58 31.30 5.41
C SER D 220 26.39 32.02 4.33
N GLU D 221 26.87 33.20 4.71
CA GLU D 221 27.55 34.14 3.80
C GLU D 221 26.90 34.21 2.42
C1' SAL E . -10.08 -16.31 1.47
O1' SAL E . -10.01 -16.77 2.63
O2' SAL E . -9.50 -15.27 1.08
C1 SAL E . -10.88 -17.11 0.45
C2 SAL E . -10.97 -16.70 -0.85
C3 SAL E . -11.69 -17.46 -1.76
C4 SAL E . -12.32 -18.62 -1.36
C5 SAL E . -12.24 -19.04 -0.05
C6 SAL E . -11.50 -18.29 0.85
O2 SAL E . -10.36 -15.56 -1.26
O1 PG4 F . -13.91 -7.44 -9.41
C1 PG4 F . -13.17 -6.95 -10.58
C2 PG4 F . -12.44 -5.58 -10.44
O2 PG4 F . -11.42 -5.48 -9.34
C3 PG4 F . -10.61 -4.24 -9.40
C4 PG4 F . -9.52 -3.68 -8.40
O3 PG4 F . -8.26 -4.31 -7.91
C5 PG4 F . -8.46 -5.33 -6.92
C6 PG4 F . -9.38 -6.34 -7.48
O4 PG4 F . -9.78 -7.41 -6.61
C7 PG4 F . -10.78 -8.02 -7.47
C8 PG4 F . -11.65 -9.20 -7.07
O5 PG4 F . -12.44 -9.53 -8.22
O1 PG4 G . -9.18 -18.69 26.51
C1 PG4 G . -8.02 -17.88 26.27
C2 PG4 G . -6.80 -18.77 25.96
O2 PG4 G . -6.24 -19.75 26.89
C3 PG4 G . -5.18 -20.36 26.12
C4 PG4 G . -4.28 -19.21 25.68
O3 PG4 G . -3.20 -19.54 24.78
C5 PG4 G . -2.60 -18.27 24.41
C6 PG4 G . -3.87 -17.44 24.10
O4 PG4 G . -4.84 -17.81 23.10
C7 PG4 G . -5.94 -16.89 23.35
C8 PG4 G . -7.20 -17.08 22.50
O5 PG4 G . -8.18 -16.11 22.90
C1' SAL H . -27.92 0.13 8.70
O1' SAL H . -27.05 1.04 8.54
O2' SAL H . -27.98 -0.54 9.75
C1 SAL H . -28.90 -0.22 7.53
C2 SAL H . -29.89 -1.20 7.66
C3 SAL H . -30.75 -1.52 6.61
C4 SAL H . -30.61 -0.86 5.40
C5 SAL H . -29.61 0.10 5.24
C6 SAL H . -28.76 0.42 6.31
O2 SAL H . -30.08 -1.87 8.83
O1 PG4 I . -23.09 1.21 -21.00
C1 PG4 I . -22.46 2.19 -20.19
C2 PG4 I . -23.10 2.23 -18.79
O2 PG4 I . -22.61 3.18 -17.77
C3 PG4 I . -21.24 3.00 -17.32
C4 PG4 I . -20.19 3.14 -18.41
O3 PG4 I . -18.86 2.88 -17.90
C5 PG4 I . -18.02 2.91 -19.06
C6 PG4 I . -16.60 2.46 -18.80
O4 PG4 I . -15.94 2.56 -20.09
C7 PG4 I . -16.66 1.73 -21.03
C8 PG4 I . -16.11 1.66 -22.46
O5 PG4 I . -16.97 0.82 -23.28
C1' SAL J . 17.53 -2.88 -3.74
O1' SAL J . 17.75 -2.67 -2.54
O2' SAL J . 16.47 -2.61 -4.33
C1 SAL J . 18.56 -3.65 -4.56
C2 SAL J . 19.73 -4.18 -3.97
C3 SAL J . 20.66 -4.87 -4.74
C4 SAL J . 20.44 -4.99 -6.11
C5 SAL J . 19.29 -4.44 -6.69
C6 SAL J . 18.35 -3.77 -5.92
O2 SAL J . 19.95 -4.09 -2.64
#